data_1DNZ
# 
_entry.id   1DNZ 
# 
_audit_conform.dict_name       mmcif_pdbx.dic 
_audit_conform.dict_version    5.385 
_audit_conform.dict_location   http://mmcif.pdb.org/dictionaries/ascii/mmcif_pdbx.dic 
# 
loop_
_database_2.database_id 
_database_2.database_code 
_database_2.pdbx_database_accession 
_database_2.pdbx_DOI 
PDB   1DNZ         pdb_00001dnz 10.2210/pdb1dnz/pdb 
NDB   AD0006       ?            ?                   
RCSB  RCSB010235   ?            ?                   
WWPDB D_1000010235 ?            ?                   
# 
loop_
_pdbx_audit_revision_history.ordinal 
_pdbx_audit_revision_history.data_content_type 
_pdbx_audit_revision_history.major_revision 
_pdbx_audit_revision_history.minor_revision 
_pdbx_audit_revision_history.revision_date 
1 'Structure model' 1 0 2000-04-10 
2 'Structure model' 1 1 2008-04-27 
3 'Structure model' 1 2 2011-07-13 
4 'Structure model' 1 3 2017-10-04 
5 'Structure model' 1 4 2024-02-07 
# 
_pdbx_audit_revision_details.ordinal             1 
_pdbx_audit_revision_details.revision_ordinal    1 
_pdbx_audit_revision_details.data_content_type   'Structure model' 
_pdbx_audit_revision_details.provider            repository 
_pdbx_audit_revision_details.type                'Initial release' 
_pdbx_audit_revision_details.description         ? 
_pdbx_audit_revision_details.details             ? 
# 
loop_
_pdbx_audit_revision_group.ordinal 
_pdbx_audit_revision_group.revision_ordinal 
_pdbx_audit_revision_group.data_content_type 
_pdbx_audit_revision_group.group 
1 2 'Structure model' 'Version format compliance' 
2 3 'Structure model' 'Version format compliance' 
3 4 'Structure model' 'Refinement description'    
4 5 'Structure model' 'Data collection'           
5 5 'Structure model' 'Database references'       
6 5 'Structure model' 'Derived calculations'      
# 
loop_
_pdbx_audit_revision_category.ordinal 
_pdbx_audit_revision_category.revision_ordinal 
_pdbx_audit_revision_category.data_content_type 
_pdbx_audit_revision_category.category 
1 4 'Structure model' software               
2 5 'Structure model' chem_comp_atom         
3 5 'Structure model' chem_comp_bond         
4 5 'Structure model' database_2             
5 5 'Structure model' pdbx_struct_conn_angle 
6 5 'Structure model' struct_conn            
7 5 'Structure model' struct_site            
# 
loop_
_pdbx_audit_revision_item.ordinal 
_pdbx_audit_revision_item.revision_ordinal 
_pdbx_audit_revision_item.data_content_type 
_pdbx_audit_revision_item.item 
1  5 'Structure model' '_database_2.pdbx_DOI'                      
2  5 'Structure model' '_database_2.pdbx_database_accession'       
3  5 'Structure model' '_pdbx_struct_conn_angle.ptnr1_auth_seq_id' 
4  5 'Structure model' '_pdbx_struct_conn_angle.ptnr1_symmetry'    
5  5 'Structure model' '_pdbx_struct_conn_angle.ptnr3_auth_seq_id' 
6  5 'Structure model' '_pdbx_struct_conn_angle.ptnr3_symmetry'    
7  5 'Structure model' '_pdbx_struct_conn_angle.value'             
8  5 'Structure model' '_struct_conn.pdbx_dist_value'              
9  5 'Structure model' '_struct_conn.ptnr2_auth_seq_id'            
10 5 'Structure model' '_struct_conn.ptnr2_symmetry'               
11 5 'Structure model' '_struct_site.pdbx_auth_asym_id'            
12 5 'Structure model' '_struct_site.pdbx_auth_comp_id'            
13 5 'Structure model' '_struct_site.pdbx_auth_seq_id'             
# 
_pdbx_database_status.status_code                     REL 
_pdbx_database_status.entry_id                        1DNZ 
_pdbx_database_status.recvd_initial_deposition_date   1999-12-17 
_pdbx_database_status.deposit_site                    RCSB 
_pdbx_database_status.process_site                    RCSB 
_pdbx_database_status.status_code_sf                  REL 
_pdbx_database_status.SG_entry                        . 
_pdbx_database_status.pdb_format_compatible           Y 
_pdbx_database_status.status_code_mr                  ? 
_pdbx_database_status.status_code_cs                  ? 
_pdbx_database_status.methods_development_category    ? 
_pdbx_database_status.status_code_nmr_data            ? 
# 
loop_
_pdbx_database_related.db_name 
_pdbx_database_related.db_id 
_pdbx_database_related.details 
_pdbx_database_related.content_type 
PDB 1D1B . unspecified 
PDB 212D . unspecified 
PDB 221D . unspecified 
# 
loop_
_audit_author.name 
_audit_author.pdbx_ordinal 
'Robinson, H.'   1 
'Gao, Y.-G.'     2 
'Sanishvili, R.' 3 
'Joachimiak, A.' 4 
'Wang, A.H.-J.'  5 
# 
_citation.id                        primary 
_citation.title                     
'Hexahydrated magnesium ions bind in the deep major groove and at the outer mouth of A-form nucleic acid duplexes.' 
_citation.journal_abbrev            'Nucleic Acids Res.' 
_citation.journal_volume            28 
_citation.page_first                1760 
_citation.page_last                 1766 
_citation.year                      2000 
_citation.journal_id_ASTM           NARHAD 
_citation.country                   UK 
_citation.journal_id_ISSN           0305-1048 
_citation.journal_id_CSD            0389 
_citation.book_publisher            ? 
_citation.pdbx_database_id_PubMed   10734195 
_citation.pdbx_database_id_DOI      10.1093/nar/28.8.1760 
# 
loop_
_citation_author.citation_id 
_citation_author.name 
_citation_author.ordinal 
_citation_author.identifier_ORCID 
primary 'Robinson, H.'   1 ? 
primary 'Gao, Y.G.'      2 ? 
primary 'Sanishvili, R.' 3 ? 
primary 'Joachimiak, A.' 4 ? 
primary 'Wang, A.H.'     5 ? 
# 
loop_
_entity.id 
_entity.type 
_entity.src_method 
_entity.pdbx_description 
_entity.formula_weight 
_entity.pdbx_number_of_molecules 
_entity.pdbx_ec 
_entity.pdbx_mutation 
_entity.pdbx_fragment 
_entity.details 
1 polymer     syn 
;DNA (5'-D(*AP*CP*CP*GP*GP*CP*CP*GP*GP*T)-3')
;
3045.992 1  ? ? ? ? 
2 non-polymer syn 'MAGNESIUM ION'                                24.305   2  ? ? ? ? 
3 water       nat water                                          18.015   36 ? ? ? ? 
# 
_entity_poly.entity_id                      1 
_entity_poly.type                           polydeoxyribonucleotide 
_entity_poly.nstd_linkage                   no 
_entity_poly.nstd_monomer                   no 
_entity_poly.pdbx_seq_one_letter_code       '(DA)(DC)(DC)(DG)(DG)(DC)(DC)(DG)(DG)(DT)' 
_entity_poly.pdbx_seq_one_letter_code_can   ACCGGCCGGT 
_entity_poly.pdbx_strand_id                 A 
_entity_poly.pdbx_target_identifier         ? 
# 
loop_
_pdbx_entity_nonpoly.entity_id 
_pdbx_entity_nonpoly.name 
_pdbx_entity_nonpoly.comp_id 
2 'MAGNESIUM ION' MG  
3 water           HOH 
# 
loop_
_entity_poly_seq.entity_id 
_entity_poly_seq.num 
_entity_poly_seq.mon_id 
_entity_poly_seq.hetero 
1 1  DA n 
1 2  DC n 
1 3  DC n 
1 4  DG n 
1 5  DG n 
1 6  DC n 
1 7  DC n 
1 8  DG n 
1 9  DG n 
1 10 DT n 
# 
loop_
_chem_comp.id 
_chem_comp.type 
_chem_comp.mon_nstd_flag 
_chem_comp.name 
_chem_comp.pdbx_synonyms 
_chem_comp.formula 
_chem_comp.formula_weight 
DA  'DNA linking' y "2'-DEOXYADENOSINE-5'-MONOPHOSPHATE" ? 'C10 H14 N5 O6 P' 331.222 
DC  'DNA linking' y "2'-DEOXYCYTIDINE-5'-MONOPHOSPHATE"  ? 'C9 H14 N3 O7 P'  307.197 
DG  'DNA linking' y "2'-DEOXYGUANOSINE-5'-MONOPHOSPHATE" ? 'C10 H14 N5 O7 P' 347.221 
DT  'DNA linking' y "THYMIDINE-5'-MONOPHOSPHATE"         ? 'C10 H15 N2 O8 P' 322.208 
HOH non-polymer   . WATER                                ? 'H2 O'            18.015  
MG  non-polymer   . 'MAGNESIUM ION'                      ? 'Mg 2'            24.305  
# 
loop_
_pdbx_poly_seq_scheme.asym_id 
_pdbx_poly_seq_scheme.entity_id 
_pdbx_poly_seq_scheme.seq_id 
_pdbx_poly_seq_scheme.mon_id 
_pdbx_poly_seq_scheme.ndb_seq_num 
_pdbx_poly_seq_scheme.pdb_seq_num 
_pdbx_poly_seq_scheme.auth_seq_num 
_pdbx_poly_seq_scheme.pdb_mon_id 
_pdbx_poly_seq_scheme.auth_mon_id 
_pdbx_poly_seq_scheme.pdb_strand_id 
_pdbx_poly_seq_scheme.pdb_ins_code 
_pdbx_poly_seq_scheme.hetero 
A 1 1  DA 1  1  1  DA A A . n 
A 1 2  DC 2  2  2  DC C A . n 
A 1 3  DC 3  3  3  DC C A . n 
A 1 4  DG 4  4  4  DG G A . n 
A 1 5  DG 5  5  5  DG G A . n 
A 1 6  DC 6  6  6  DC C A . n 
A 1 7  DC 7  7  7  DC C A . n 
A 1 8  DG 8  8  8  DG G A . n 
A 1 9  DG 9  9  9  DG G A . n 
A 1 10 DT 10 10 10 DT T A . n 
# 
loop_
_pdbx_nonpoly_scheme.asym_id 
_pdbx_nonpoly_scheme.entity_id 
_pdbx_nonpoly_scheme.mon_id 
_pdbx_nonpoly_scheme.ndb_seq_num 
_pdbx_nonpoly_scheme.pdb_seq_num 
_pdbx_nonpoly_scheme.auth_seq_num 
_pdbx_nonpoly_scheme.pdb_mon_id 
_pdbx_nonpoly_scheme.auth_mon_id 
_pdbx_nonpoly_scheme.pdb_strand_id 
_pdbx_nonpoly_scheme.pdb_ins_code 
B 2 MG  1  21  21  MG  MO6 A . 
C 2 MG  1  22  22  MG  MO6 A . 
D 3 HOH 1  101 101 HOH HOH A . 
D 3 HOH 2  102 102 HOH HOH A . 
D 3 HOH 3  103 103 HOH HOH A . 
D 3 HOH 4  104 104 HOH HOH A . 
D 3 HOH 5  105 105 HOH HOH A . 
D 3 HOH 6  106 106 HOH HOH A . 
D 3 HOH 7  107 107 HOH HOH A . 
D 3 HOH 8  108 108 HOH HOH A . 
D 3 HOH 9  109 109 HOH HOH A . 
D 3 HOH 10 110 110 HOH HOH A . 
D 3 HOH 11 111 111 HOH HOH A . 
D 3 HOH 12 112 112 HOH HOH A . 
D 3 HOH 13 113 113 HOH HOH A . 
D 3 HOH 14 114 114 HOH HOH A . 
D 3 HOH 15 115 115 HOH HOH A . 
D 3 HOH 16 116 116 HOH HOH A . 
D 3 HOH 17 117 117 HOH HOH A . 
D 3 HOH 18 118 118 HOH HOH A . 
D 3 HOH 19 119 119 HOH HOH A . 
D 3 HOH 20 120 120 HOH HOH A . 
D 3 HOH 21 121 121 HOH HOH A . 
D 3 HOH 22 122 122 HOH HOH A . 
D 3 HOH 23 123 123 HOH HOH A . 
D 3 HOH 24 124 124 HOH HOH A . 
D 3 HOH 25 125 21  HOH MO6 A . 
D 3 HOH 26 126 21  HOH MO6 A . 
D 3 HOH 27 127 21  HOH MO6 A . 
D 3 HOH 28 128 21  HOH MO6 A . 
D 3 HOH 29 129 21  HOH MO6 A . 
D 3 HOH 30 130 21  HOH MO6 A . 
D 3 HOH 31 131 22  HOH MO6 A . 
D 3 HOH 32 132 22  HOH MO6 A . 
D 3 HOH 33 133 22  HOH MO6 A . 
D 3 HOH 34 134 22  HOH MO6 A . 
D 3 HOH 35 135 22  HOH MO6 A . 
D 3 HOH 36 136 22  HOH MO6 A . 
# 
loop_
_software.name 
_software.classification 
_software.version 
_software.citation_id 
_software.pdbx_ordinal 
X-PLOR    'model building' . ? 1 
SHELXL-97 refinement       . ? 2 
d*TREK    'data scaling'   . ? 3 
X-PLOR    phasing          . ? 4 
# 
_cell.entry_id           1DNZ 
_cell.length_a           38.502 
_cell.length_b           38.502 
_cell.length_c           77.631 
_cell.angle_alpha        90.00 
_cell.angle_beta         90.00 
_cell.angle_gamma        120.00 
_cell.Z_PDB              12 
_cell.pdbx_unique_axis   ? 
# 
_symmetry.entry_id                         1DNZ 
_symmetry.space_group_name_H-M             'P 61 2 2' 
_symmetry.pdbx_full_space_group_name_H-M   ? 
_symmetry.cell_setting                     hexagonal 
_symmetry.Int_Tables_number                178 
# 
_exptl.entry_id          1DNZ 
_exptl.method            'X-RAY DIFFRACTION' 
_exptl.crystals_number   1 
# 
_exptl_crystal.id                    1 
_exptl_crystal.density_meas          ? 
_exptl_crystal.density_Matthews      2.44 
_exptl_crystal.density_percent_sol   50.0 
_exptl_crystal.description           ? 
# 
_exptl_crystal_grow.crystal_id      1 
_exptl_crystal_grow.method          'VAPOR DIFFUSION, SITTING DROP' 
_exptl_crystal_grow.temp            298 
_exptl_crystal_grow.temp_details    ? 
_exptl_crystal_grow.pH              6.5 
_exptl_crystal_grow.pdbx_details    'MPD, CACODYLATE, MGCL2, SPERMINE, pH 6.5, VAPOR DIFFUSION, SITTING DROP, temperature 298K' 
_exptl_crystal_grow.pdbx_pH_range   ? 
# 
loop_
_exptl_crystal_grow_comp.crystal_id 
_exptl_crystal_grow_comp.id 
_exptl_crystal_grow_comp.sol_id 
_exptl_crystal_grow_comp.name 
_exptl_crystal_grow_comp.volume 
_exptl_crystal_grow_comp.conc 
_exptl_crystal_grow_comp.details 
1 1 1 CACODYLATE ? ? ? 
1 2 1 SPERMINE   ? ? ? 
1 3 1 MGCL2      ? ? ? 
1 4 1 MPD        ? ? ? 
1 5 2 MPD        ? ? ? 
# 
_diffrn.id                     1 
_diffrn.ambient_temp           123 
_diffrn.ambient_temp_details   ? 
_diffrn.crystal_id             1 
# 
_diffrn_detector.diffrn_id              1 
_diffrn_detector.detector               'IMAGE PLATE' 
_diffrn_detector.type                   'RIGAKU RAXIS IIC' 
_diffrn_detector.pdbx_collection_date   1999-05-05 
_diffrn_detector.details                ? 
# 
_diffrn_radiation.diffrn_id                        1 
_diffrn_radiation.wavelength_id                    1 
_diffrn_radiation.pdbx_monochromatic_or_laue_m_l   M 
_diffrn_radiation.monochromator                    ? 
_diffrn_radiation.pdbx_diffrn_protocol             'SINGLE WAVELENGTH' 
_diffrn_radiation.pdbx_scattering_type             x-ray 
# 
_diffrn_radiation_wavelength.id           1 
_diffrn_radiation_wavelength.wavelength   1.5418 
_diffrn_radiation_wavelength.wt           1.0 
# 
_diffrn_source.diffrn_id                   1 
_diffrn_source.source                      'ROTATING ANODE' 
_diffrn_source.type                        'RIGAKU RU200' 
_diffrn_source.pdbx_synchrotron_site       ? 
_diffrn_source.pdbx_synchrotron_beamline   ? 
_diffrn_source.pdbx_wavelength             1.5418 
_diffrn_source.pdbx_wavelength_list        ? 
# 
_reflns.entry_id                     1DNZ 
_reflns.observed_criterion_sigma_I   0.0 
_reflns.observed_criterion_sigma_F   0.0 
_reflns.d_resolution_low             20.0 
_reflns.d_resolution_high            1.6 
_reflns.number_obs                   4901 
_reflns.number_all                   4901 
_reflns.percent_possible_obs         99.6 
_reflns.pdbx_Rmerge_I_obs            0.0420000 
_reflns.pdbx_Rsym_value              ? 
_reflns.pdbx_netI_over_sigmaI        47.8 
_reflns.B_iso_Wilson_estimate        29.2 
_reflns.pdbx_redundancy              15.2 
_reflns.R_free_details               ? 
_reflns.pdbx_diffrn_id               1 
_reflns.pdbx_ordinal                 1 
# 
_reflns_shell.d_res_high             1.60 
_reflns_shell.d_res_low              1.65 
_reflns_shell.percent_possible_all   96.8 
_reflns_shell.Rmerge_I_obs           0.4890000 
_reflns_shell.pdbx_Rsym_value        ? 
_reflns_shell.meanI_over_sigI_obs    9.2 
_reflns_shell.pdbx_redundancy        8.4 
_reflns_shell.percent_possible_obs   ? 
_reflns_shell.number_unique_all      ? 
_reflns_shell.pdbx_diffrn_id         ? 
_reflns_shell.pdbx_ordinal           1 
# 
_refine.entry_id                                 1DNZ 
_refine.ls_number_reflns_obs                     4874 
_refine.ls_number_reflns_all                     4874 
_refine.pdbx_ls_sigma_I                          0.0 
_refine.pdbx_ls_sigma_F                          0.0 
_refine.pdbx_data_cutoff_high_absF               ? 
_refine.pdbx_data_cutoff_low_absF                ? 
_refine.pdbx_data_cutoff_high_rms_absF           ? 
_refine.ls_d_res_low                             20.0 
_refine.ls_d_res_high                            1.6 
_refine.ls_percent_reflns_obs                    99.6 
_refine.ls_R_factor_obs                          0.2270000 
_refine.ls_R_factor_all                          0.2290000 
_refine.ls_R_factor_R_work                       0.2270000 
_refine.ls_R_factor_R_free                       0.2790000 
_refine.ls_R_factor_R_free_error                 ? 
_refine.ls_R_factor_R_free_error_details         ? 
_refine.ls_percent_reflns_R_free                 5 
_refine.ls_number_reflns_R_free                  245 
_refine.ls_number_parameters                     963 
_refine.ls_number_restraints                     907 
_refine.occupancy_min                            ? 
_refine.occupancy_max                            ? 
_refine.B_iso_mean                               ? 
_refine.aniso_B[1][1]                            ? 
_refine.aniso_B[2][2]                            ? 
_refine.aniso_B[3][3]                            ? 
_refine.aniso_B[1][2]                            ? 
_refine.aniso_B[1][3]                            ? 
_refine.aniso_B[2][3]                            ? 
_refine.solvent_model_details                    'SHELXL SWAT OPTION' 
_refine.solvent_model_param_ksol                 ? 
_refine.solvent_model_param_bsol                 ? 
_refine.pdbx_ls_cross_valid_method               'A POSTERIORI' 
_refine.details                                  ? 
_refine.pdbx_starting_model                      ? 
_refine.pdbx_method_to_determine_struct          'MOLECULAR REPLACEMENT' 
_refine.pdbx_isotropic_thermal_model             ? 
_refine.pdbx_stereochemistry_target_values       'G.PARKINSON ET AL.' 
_refine.pdbx_stereochem_target_val_spec_case     ? 
_refine.pdbx_R_Free_selection_details            RANDOM 
_refine.pdbx_overall_ESU_R                       ? 
_refine.pdbx_overall_ESU_R_Free                  ? 
_refine.overall_SU_ML                            ? 
_refine.overall_SU_B                             ? 
_refine.ls_redundancy_reflns_obs                 ? 
_refine.correlation_coeff_Fo_to_Fc               ? 
_refine.correlation_coeff_Fo_to_Fc_free          ? 
_refine.overall_SU_R_Cruickshank_DPI             ? 
_refine.overall_SU_R_free                        ? 
_refine.pdbx_refine_id                           'X-RAY DIFFRACTION' 
_refine.pdbx_diffrn_id                           1 
_refine.pdbx_TLS_residual_ADP_flag               ? 
_refine.pdbx_solvent_vdw_probe_radii             ? 
_refine.pdbx_solvent_ion_probe_radii             ? 
_refine.pdbx_solvent_shrinkage_radii             ? 
_refine.pdbx_overall_phase_error                 ? 
_refine.pdbx_overall_SU_R_free_Cruickshank_DPI   ? 
_refine.pdbx_overall_SU_R_Blow_DPI               ? 
_refine.pdbx_overall_SU_R_free_Blow_DPI          ? 
# 
_refine_analyze.entry_id                        1DNZ 
_refine_analyze.Luzzati_coordinate_error_obs    ? 
_refine_analyze.Luzzati_sigma_a_obs             ? 
_refine_analyze.Luzzati_d_res_low_obs           ? 
_refine_analyze.Luzzati_coordinate_error_free   ? 
_refine_analyze.Luzzati_sigma_a_free            ? 
_refine_analyze.Luzzati_d_res_low_free          ? 
_refine_analyze.number_disordered_residues      0 
_refine_analyze.occupancy_sum_hydrogen          0 
_refine_analyze.occupancy_sum_non_hydrogen      235.5 
_refine_analyze.pdbx_refine_id                  'X-RAY DIFFRACTION' 
# 
_refine_hist.pdbx_refine_id                   'X-RAY DIFFRACTION' 
_refine_hist.cycle_id                         LAST 
_refine_hist.pdbx_number_atoms_protein        0 
_refine_hist.pdbx_number_atoms_nucleic_acid   202 
_refine_hist.pdbx_number_atoms_ligand         14 
_refine_hist.number_atoms_solvent             24 
_refine_hist.number_atoms_total               240 
_refine_hist.d_res_high                       1.6 
_refine_hist.d_res_low                        20.0 
# 
loop_
_refine_ls_restr.type 
_refine_ls_restr.dev_ideal 
_refine_ls_restr.dev_ideal_target 
_refine_ls_restr.weight 
_refine_ls_restr.number 
_refine_ls_restr.pdbx_refine_id 
_refine_ls_restr.pdbx_restraint_function 
s_bond_d               0.009 ? ? ? 'X-RAY DIFFRACTION' ? 
s_angle_d              0.025 ? ? ? 'X-RAY DIFFRACTION' ? 
s_similar_dist         ?     ? ? ? 'X-RAY DIFFRACTION' ? 
s_from_restr_planes    0.071 ? ? ? 'X-RAY DIFFRACTION' ? 
s_zero_chiral_vol      ?     ? ? ? 'X-RAY DIFFRACTION' ? 
s_non_zero_chiral_vol  ?     ? ? ? 'X-RAY DIFFRACTION' ? 
s_anti_bump_dis_restr  0.003 ? ? ? 'X-RAY DIFFRACTION' ? 
s_rigid_bond_adp_cmpnt ?     ? ? ? 'X-RAY DIFFRACTION' ? 
s_similar_adp_cmpnt    0.060 ? ? ? 'X-RAY DIFFRACTION' ? 
s_approx_iso_adps      ?     ? ? ? 'X-RAY DIFFRACTION' ? 
# 
_pdbx_refine.entry_id                                    1DNZ 
_pdbx_refine.R_factor_all_no_cutoff                      ? 
_pdbx_refine.R_factor_obs_no_cutoff                      ? 
_pdbx_refine.free_R_factor_no_cutoff                     ? 
_pdbx_refine.free_R_val_test_set_size_perc_no_cutoff     ? 
_pdbx_refine.free_R_val_test_set_ct_no_cutoff            ? 
_pdbx_refine.R_factor_all_4sig_cutoff                    0.2290000 
_pdbx_refine.R_factor_obs_4sig_cutoff                    0.2270000 
_pdbx_refine.free_R_factor_4sig_cutoff                   0.2780000 
_pdbx_refine.free_R_val_test_set_size_perc_4sig_cutoff   5 
_pdbx_refine.free_R_val_test_set_ct_4sig_cutoff          242 
_pdbx_refine.number_reflns_obs_4sig_cutoff               4656 
_pdbx_refine.number_reflns_obs_no_cutoff                 ? 
_pdbx_refine.pdbx_refine_id                              'X-RAY DIFFRACTION' 
_pdbx_refine.free_R_error_no_cutoff                      ? 
# 
_struct.entry_id                  1DNZ 
_struct.title                     'A-DNA DECAMER ACCGGCCGGT WITH MAGNESIUM BINDING SITES' 
_struct.pdbx_model_details        ? 
_struct.pdbx_CASP_flag            ? 
_struct.pdbx_model_type_details   ? 
# 
_struct_keywords.entry_id        1DNZ 
_struct_keywords.pdbx_keywords   DNA 
_struct_keywords.text            'DNA CONFORMATION, METAL IONS, DNA' 
# 
loop_
_struct_asym.id 
_struct_asym.pdbx_blank_PDB_chainid_flag 
_struct_asym.pdbx_modified 
_struct_asym.entity_id 
_struct_asym.details 
A N N 1 ? 
B N N 2 ? 
C N N 2 ? 
D N N 3 ? 
# 
_struct_ref.id                         1 
_struct_ref.entity_id                  1 
_struct_ref.db_name                    PDB 
_struct_ref.db_code                    1DNZ 
_struct_ref.pdbx_db_accession          1DNZ 
_struct_ref.pdbx_db_isoform            ? 
_struct_ref.pdbx_seq_one_letter_code   ? 
_struct_ref.pdbx_align_begin           ? 
# 
_struct_ref_seq.align_id                      1 
_struct_ref_seq.ref_id                        1 
_struct_ref_seq.pdbx_PDB_id_code              1DNZ 
_struct_ref_seq.pdbx_strand_id                A 
_struct_ref_seq.seq_align_beg                 1 
_struct_ref_seq.pdbx_seq_align_beg_ins_code   ? 
_struct_ref_seq.seq_align_end                 10 
_struct_ref_seq.pdbx_seq_align_end_ins_code   ? 
_struct_ref_seq.pdbx_db_accession             1DNZ 
_struct_ref_seq.db_align_beg                  1 
_struct_ref_seq.pdbx_db_align_beg_ins_code    ? 
_struct_ref_seq.db_align_end                  10 
_struct_ref_seq.pdbx_db_align_end_ins_code    ? 
_struct_ref_seq.pdbx_auth_seq_align_beg       1 
_struct_ref_seq.pdbx_auth_seq_align_end       10 
# 
_pdbx_struct_assembly.id                   1 
_pdbx_struct_assembly.details              author_defined_assembly 
_pdbx_struct_assembly.method_details       ? 
_pdbx_struct_assembly.oligomeric_details   dimeric 
_pdbx_struct_assembly.oligomeric_count     2 
# 
_pdbx_struct_assembly_gen.assembly_id       1 
_pdbx_struct_assembly_gen.oper_expression   1,2 
_pdbx_struct_assembly_gen.asym_id_list      A,B,C,D 
# 
loop_
_pdbx_struct_oper_list.id 
_pdbx_struct_oper_list.type 
_pdbx_struct_oper_list.name 
_pdbx_struct_oper_list.symmetry_operation 
_pdbx_struct_oper_list.matrix[1][1] 
_pdbx_struct_oper_list.matrix[1][2] 
_pdbx_struct_oper_list.matrix[1][3] 
_pdbx_struct_oper_list.vector[1] 
_pdbx_struct_oper_list.matrix[2][1] 
_pdbx_struct_oper_list.matrix[2][2] 
_pdbx_struct_oper_list.matrix[2][3] 
_pdbx_struct_oper_list.vector[2] 
_pdbx_struct_oper_list.matrix[3][1] 
_pdbx_struct_oper_list.matrix[3][2] 
_pdbx_struct_oper_list.matrix[3][3] 
_pdbx_struct_oper_list.vector[3] 
1 'identity operation'         1_555  x,y,z         1.0000000000  0.0000000000 0.0000000000  0.0000000000 0.0000000000 1.0000000000  0.0000000000  0.0000000000  0.0000000000  0.0000000000  1.0000000000  0.0000000000  
2 'crystal symmetry operation' 11_555 -x+y,y,-z+1/2 -0.3285696489 0.7266963316 -0.6032863561 0.0113905757 0.7266963316 -0.2134886999 -0.6529433487 -3.0531900554 -0.6032863561 -0.6529433487 -0.4579416512 -3.6650821162 
# 
_struct_biol.id                    1 
_struct_biol.pdbx_parent_biol_id   ? 
_struct_biol.details               ? 
# 
loop_
_struct_conn.id 
_struct_conn.conn_type_id 
_struct_conn.pdbx_leaving_atom_flag 
_struct_conn.pdbx_PDB_id 
_struct_conn.ptnr1_label_asym_id 
_struct_conn.ptnr1_label_comp_id 
_struct_conn.ptnr1_label_seq_id 
_struct_conn.ptnr1_label_atom_id 
_struct_conn.pdbx_ptnr1_label_alt_id 
_struct_conn.pdbx_ptnr1_PDB_ins_code 
_struct_conn.pdbx_ptnr1_standard_comp_id 
_struct_conn.ptnr1_symmetry 
_struct_conn.ptnr2_label_asym_id 
_struct_conn.ptnr2_label_comp_id 
_struct_conn.ptnr2_label_seq_id 
_struct_conn.ptnr2_label_atom_id 
_struct_conn.pdbx_ptnr2_label_alt_id 
_struct_conn.pdbx_ptnr2_PDB_ins_code 
_struct_conn.ptnr1_auth_asym_id 
_struct_conn.ptnr1_auth_comp_id 
_struct_conn.ptnr1_auth_seq_id 
_struct_conn.ptnr2_auth_asym_id 
_struct_conn.ptnr2_auth_comp_id 
_struct_conn.ptnr2_auth_seq_id 
_struct_conn.ptnr2_symmetry 
_struct_conn.pdbx_ptnr3_label_atom_id 
_struct_conn.pdbx_ptnr3_label_seq_id 
_struct_conn.pdbx_ptnr3_label_comp_id 
_struct_conn.pdbx_ptnr3_label_asym_id 
_struct_conn.pdbx_ptnr3_label_alt_id 
_struct_conn.pdbx_ptnr3_PDB_ins_code 
_struct_conn.details 
_struct_conn.pdbx_dist_value 
_struct_conn.pdbx_value_order 
_struct_conn.pdbx_role 
metalc1  metalc ? ? B MG .  MG ? ? ? 1_555 D HOH .  O  ? ? A MG 21 A HOH 125 1_555  ? ? ? ? ? ? ?            2.064 ? ? 
metalc2  metalc ? ? B MG .  MG ? ? ? 1_555 D HOH .  O  ? ? A MG 21 A HOH 126 1_555  ? ? ? ? ? ? ?            2.070 ? ? 
metalc3  metalc ? ? B MG .  MG ? ? ? 1_555 D HOH .  O  ? ? A MG 21 A HOH 127 1_555  ? ? ? ? ? ? ?            2.070 ? ? 
metalc4  metalc ? ? B MG .  MG ? ? ? 1_555 D HOH .  O  ? ? A MG 21 A HOH 128 1_555  ? ? ? ? ? ? ?            2.061 ? ? 
metalc5  metalc ? ? B MG .  MG ? ? ? 1_555 D HOH .  O  ? ? A MG 21 A HOH 129 1_555  ? ? ? ? ? ? ?            2.058 ? ? 
metalc6  metalc ? ? B MG .  MG ? ? ? 1_555 D HOH .  O  ? ? A MG 21 A HOH 130 1_555  ? ? ? ? ? ? ?            2.050 ? ? 
metalc7  metalc ? ? C MG .  MG ? ? ? 1_555 D HOH .  O  ? ? A MG 22 A HOH 101 1_555  ? ? ? ? ? ? ?            2.399 ? ? 
metalc8  metalc ? ? C MG .  MG ? ? ? 1_555 D HOH .  O  ? ? A MG 22 A HOH 102 11_555 ? ? ? ? ? ? ?            2.477 ? ? 
metalc9  metalc ? ? C MG .  MG ? ? ? 1_555 D HOH .  O  ? ? A MG 22 A HOH 131 1_555  ? ? ? ? ? ? ?            2.055 ? ? 
metalc10 metalc ? ? C MG .  MG ? ? ? 1_555 D HOH .  O  ? ? A MG 22 A HOH 132 1_555  ? ? ? ? ? ? ?            2.059 ? ? 
metalc11 metalc ? ? C MG .  MG ? ? ? 1_555 D HOH .  O  ? ? A MG 22 A HOH 132 11_555 ? ? ? ? ? ? ?            1.548 ? ? 
metalc12 metalc ? ? C MG .  MG ? ? ? 1_555 D HOH .  O  ? ? A MG 22 A HOH 133 1_555  ? ? ? ? ? ? ?            2.062 ? ? 
metalc13 metalc ? ? C MG .  MG ? ? ? 1_555 D HOH .  O  ? ? A MG 22 A HOH 133 11_555 ? ? ? ? ? ? ?            1.516 ? ? 
metalc14 metalc ? ? C MG .  MG ? ? ? 1_555 D HOH .  O  ? ? A MG 22 A HOH 134 1_555  ? ? ? ? ? ? ?            2.052 ? ? 
metalc15 metalc ? ? C MG .  MG ? ? ? 1_555 D HOH .  O  ? ? A MG 22 A HOH 134 11_555 ? ? ? ? ? ? ?            2.871 ? ? 
metalc16 metalc ? ? C MG .  MG ? ? ? 1_555 D HOH .  O  ? ? A MG 22 A HOH 135 1_555  ? ? ? ? ? ? ?            2.060 ? ? 
metalc17 metalc ? ? C MG .  MG ? ? ? 1_555 D HOH .  O  ? ? A MG 22 A HOH 136 1_555  ? ? ? ? ? ? ?            2.067 ? ? 
metalc18 metalc ? ? C MG .  MG ? ? ? 1_555 D HOH .  O  ? ? A MG 22 A HOH 136 11_555 ? ? ? ? ? ? ?            2.736 ? ? 
hydrog1  hydrog ? ? A DA 1  N1 ? ? ? 1_555 A DT  10 N3 ? ? A DA 1  A DT  10  11_555 ? ? ? ? ? ? WATSON-CRICK ?     ? ? 
hydrog2  hydrog ? ? A DA 1  N6 ? ? ? 1_555 A DT  10 O4 ? ? A DA 1  A DT  10  11_555 ? ? ? ? ? ? WATSON-CRICK ?     ? ? 
hydrog3  hydrog ? ? A DC 2  N3 ? ? ? 1_555 A DG  9  N1 ? ? A DC 2  A DG  9   11_555 ? ? ? ? ? ? WATSON-CRICK ?     ? ? 
hydrog4  hydrog ? ? A DC 2  N4 ? ? ? 1_555 A DG  9  O6 ? ? A DC 2  A DG  9   11_555 ? ? ? ? ? ? WATSON-CRICK ?     ? ? 
hydrog5  hydrog ? ? A DC 2  O2 ? ? ? 1_555 A DG  9  N2 ? ? A DC 2  A DG  9   11_555 ? ? ? ? ? ? WATSON-CRICK ?     ? ? 
hydrog6  hydrog ? ? A DC 3  N3 ? ? ? 1_555 A DG  8  N1 ? ? A DC 3  A DG  8   11_555 ? ? ? ? ? ? WATSON-CRICK ?     ? ? 
hydrog7  hydrog ? ? A DC 3  N4 ? ? ? 1_555 A DG  8  O6 ? ? A DC 3  A DG  8   11_555 ? ? ? ? ? ? WATSON-CRICK ?     ? ? 
hydrog8  hydrog ? ? A DC 3  O2 ? ? ? 1_555 A DG  8  N2 ? ? A DC 3  A DG  8   11_555 ? ? ? ? ? ? WATSON-CRICK ?     ? ? 
hydrog9  hydrog ? ? A DG 4  N1 ? ? ? 1_555 A DC  7  N3 ? ? A DG 4  A DC  7   11_555 ? ? ? ? ? ? WATSON-CRICK ?     ? ? 
hydrog10 hydrog ? ? A DG 4  N2 ? ? ? 1_555 A DC  7  O2 ? ? A DG 4  A DC  7   11_555 ? ? ? ? ? ? WATSON-CRICK ?     ? ? 
hydrog11 hydrog ? ? A DG 4  O6 ? ? ? 1_555 A DC  7  N4 ? ? A DG 4  A DC  7   11_555 ? ? ? ? ? ? WATSON-CRICK ?     ? ? 
hydrog12 hydrog ? ? A DG 5  N1 ? ? ? 1_555 A DC  6  N3 ? ? A DG 5  A DC  6   11_555 ? ? ? ? ? ? WATSON-CRICK ?     ? ? 
hydrog13 hydrog ? ? A DG 5  N2 ? ? ? 1_555 A DC  6  O2 ? ? A DG 5  A DC  6   11_555 ? ? ? ? ? ? WATSON-CRICK ?     ? ? 
hydrog14 hydrog ? ? A DG 5  O6 ? ? ? 1_555 A DC  6  N4 ? ? A DG 5  A DC  6   11_555 ? ? ? ? ? ? WATSON-CRICK ?     ? ? 
hydrog15 hydrog ? ? A DC 6  N3 ? ? ? 1_555 A DG  5  N1 ? ? A DC 6  A DG  5   11_555 ? ? ? ? ? ? WATSON-CRICK ?     ? ? 
hydrog16 hydrog ? ? A DC 6  N4 ? ? ? 1_555 A DG  5  O6 ? ? A DC 6  A DG  5   11_555 ? ? ? ? ? ? WATSON-CRICK ?     ? ? 
hydrog17 hydrog ? ? A DC 6  O2 ? ? ? 1_555 A DG  5  N2 ? ? A DC 6  A DG  5   11_555 ? ? ? ? ? ? WATSON-CRICK ?     ? ? 
hydrog18 hydrog ? ? A DC 7  N3 ? ? ? 1_555 A DG  4  N1 ? ? A DC 7  A DG  4   11_555 ? ? ? ? ? ? WATSON-CRICK ?     ? ? 
hydrog19 hydrog ? ? A DC 7  N4 ? ? ? 1_555 A DG  4  O6 ? ? A DC 7  A DG  4   11_555 ? ? ? ? ? ? WATSON-CRICK ?     ? ? 
hydrog20 hydrog ? ? A DC 7  O2 ? ? ? 1_555 A DG  4  N2 ? ? A DC 7  A DG  4   11_555 ? ? ? ? ? ? WATSON-CRICK ?     ? ? 
hydrog21 hydrog ? ? A DG 8  N1 ? ? ? 1_555 A DC  3  N3 ? ? A DG 8  A DC  3   11_555 ? ? ? ? ? ? WATSON-CRICK ?     ? ? 
hydrog22 hydrog ? ? A DG 8  N2 ? ? ? 1_555 A DC  3  O2 ? ? A DG 8  A DC  3   11_555 ? ? ? ? ? ? WATSON-CRICK ?     ? ? 
hydrog23 hydrog ? ? A DG 8  O6 ? ? ? 1_555 A DC  3  N4 ? ? A DG 8  A DC  3   11_555 ? ? ? ? ? ? WATSON-CRICK ?     ? ? 
hydrog24 hydrog ? ? A DG 9  N1 ? ? ? 1_555 A DC  2  N3 ? ? A DG 9  A DC  2   11_555 ? ? ? ? ? ? WATSON-CRICK ?     ? ? 
hydrog25 hydrog ? ? A DG 9  N2 ? ? ? 1_555 A DC  2  O2 ? ? A DG 9  A DC  2   11_555 ? ? ? ? ? ? WATSON-CRICK ?     ? ? 
hydrog26 hydrog ? ? A DG 9  O6 ? ? ? 1_555 A DC  2  N4 ? ? A DG 9  A DC  2   11_555 ? ? ? ? ? ? WATSON-CRICK ?     ? ? 
hydrog27 hydrog ? ? A DT 10 N3 ? ? ? 1_555 A DA  1  N1 ? ? A DT 10 A DA  1   11_555 ? ? ? ? ? ? WATSON-CRICK ?     ? ? 
hydrog28 hydrog ? ? A DT 10 O4 ? ? ? 1_555 A DA  1  N6 ? ? A DT 10 A DA  1   11_555 ? ? ? ? ? ? WATSON-CRICK ?     ? ? 
# 
loop_
_struct_conn_type.id 
_struct_conn_type.criteria 
_struct_conn_type.reference 
metalc ? ? 
hydrog ? ? 
# 
loop_
_pdbx_struct_conn_angle.id 
_pdbx_struct_conn_angle.ptnr1_label_atom_id 
_pdbx_struct_conn_angle.ptnr1_label_alt_id 
_pdbx_struct_conn_angle.ptnr1_label_asym_id 
_pdbx_struct_conn_angle.ptnr1_label_comp_id 
_pdbx_struct_conn_angle.ptnr1_label_seq_id 
_pdbx_struct_conn_angle.ptnr1_auth_atom_id 
_pdbx_struct_conn_angle.ptnr1_auth_asym_id 
_pdbx_struct_conn_angle.ptnr1_auth_comp_id 
_pdbx_struct_conn_angle.ptnr1_auth_seq_id 
_pdbx_struct_conn_angle.ptnr1_PDB_ins_code 
_pdbx_struct_conn_angle.ptnr1_symmetry 
_pdbx_struct_conn_angle.ptnr2_label_atom_id 
_pdbx_struct_conn_angle.ptnr2_label_alt_id 
_pdbx_struct_conn_angle.ptnr2_label_asym_id 
_pdbx_struct_conn_angle.ptnr2_label_comp_id 
_pdbx_struct_conn_angle.ptnr2_label_seq_id 
_pdbx_struct_conn_angle.ptnr2_auth_atom_id 
_pdbx_struct_conn_angle.ptnr2_auth_asym_id 
_pdbx_struct_conn_angle.ptnr2_auth_comp_id 
_pdbx_struct_conn_angle.ptnr2_auth_seq_id 
_pdbx_struct_conn_angle.ptnr2_PDB_ins_code 
_pdbx_struct_conn_angle.ptnr2_symmetry 
_pdbx_struct_conn_angle.ptnr3_label_atom_id 
_pdbx_struct_conn_angle.ptnr3_label_alt_id 
_pdbx_struct_conn_angle.ptnr3_label_asym_id 
_pdbx_struct_conn_angle.ptnr3_label_comp_id 
_pdbx_struct_conn_angle.ptnr3_label_seq_id 
_pdbx_struct_conn_angle.ptnr3_auth_atom_id 
_pdbx_struct_conn_angle.ptnr3_auth_asym_id 
_pdbx_struct_conn_angle.ptnr3_auth_comp_id 
_pdbx_struct_conn_angle.ptnr3_auth_seq_id 
_pdbx_struct_conn_angle.ptnr3_PDB_ins_code 
_pdbx_struct_conn_angle.ptnr3_symmetry 
_pdbx_struct_conn_angle.value 
_pdbx_struct_conn_angle.value_esd 
1  O ? D HOH . ? A HOH 125 ? 1_555  MG ? B MG . ? A MG 21 ? 1_555 O ? D HOH . ? A HOH 126 ? 1_555  178.4 ? 
2  O ? D HOH . ? A HOH 125 ? 1_555  MG ? B MG . ? A MG 21 ? 1_555 O ? D HOH . ? A HOH 127 ? 1_555  90.5  ? 
3  O ? D HOH . ? A HOH 126 ? 1_555  MG ? B MG . ? A MG 21 ? 1_555 O ? D HOH . ? A HOH 127 ? 1_555  88.3  ? 
4  O ? D HOH . ? A HOH 125 ? 1_555  MG ? B MG . ? A MG 21 ? 1_555 O ? D HOH . ? A HOH 128 ? 1_555  90.3  ? 
5  O ? D HOH . ? A HOH 126 ? 1_555  MG ? B MG . ? A MG 21 ? 1_555 O ? D HOH . ? A HOH 128 ? 1_555  90.7  ? 
6  O ? D HOH . ? A HOH 127 ? 1_555  MG ? B MG . ? A MG 21 ? 1_555 O ? D HOH . ? A HOH 128 ? 1_555  87.6  ? 
7  O ? D HOH . ? A HOH 125 ? 1_555  MG ? B MG . ? A MG 21 ? 1_555 O ? D HOH . ? A HOH 129 ? 1_555  91.1  ? 
8  O ? D HOH . ? A HOH 126 ? 1_555  MG ? B MG . ? A MG 21 ? 1_555 O ? D HOH . ? A HOH 129 ? 1_555  90.2  ? 
9  O ? D HOH . ? A HOH 127 ? 1_555  MG ? B MG . ? A MG 21 ? 1_555 O ? D HOH . ? A HOH 129 ? 1_555  177.1 ? 
10 O ? D HOH . ? A HOH 128 ? 1_555  MG ? B MG . ? A MG 21 ? 1_555 O ? D HOH . ? A HOH 129 ? 1_555  90.0  ? 
11 O ? D HOH . ? A HOH 125 ? 1_555  MG ? B MG . ? A MG 21 ? 1_555 O ? D HOH . ? A HOH 130 ? 1_555  88.8  ? 
12 O ? D HOH . ? A HOH 126 ? 1_555  MG ? B MG . ? A MG 21 ? 1_555 O ? D HOH . ? A HOH 130 ? 1_555  90.2  ? 
13 O ? D HOH . ? A HOH 127 ? 1_555  MG ? B MG . ? A MG 21 ? 1_555 O ? D HOH . ? A HOH 130 ? 1_555  91.7  ? 
14 O ? D HOH . ? A HOH 128 ? 1_555  MG ? B MG . ? A MG 21 ? 1_555 O ? D HOH . ? A HOH 130 ? 1_555  178.9 ? 
15 O ? D HOH . ? A HOH 129 ? 1_555  MG ? B MG . ? A MG 21 ? 1_555 O ? D HOH . ? A HOH 130 ? 1_555  90.7  ? 
16 O ? D HOH . ? A HOH 101 ? 1_555  MG ? C MG . ? A MG 22 ? 1_555 O ? D HOH . ? A HOH 102 ? 11_555 75.6  ? 
17 O ? D HOH . ? A HOH 101 ? 1_555  MG ? C MG . ? A MG 22 ? 1_555 O ? D HOH . ? A HOH 131 ? 1_555  73.2  ? 
18 O ? D HOH . ? A HOH 102 ? 11_555 MG ? C MG . ? A MG 22 ? 1_555 O ? D HOH . ? A HOH 131 ? 1_555  12.3  ? 
19 O ? D HOH . ? A HOH 101 ? 1_555  MG ? C MG . ? A MG 22 ? 1_555 O ? D HOH . ? A HOH 132 ? 1_555  106.0 ? 
20 O ? D HOH . ? A HOH 102 ? 11_555 MG ? C MG . ? A MG 22 ? 1_555 O ? D HOH . ? A HOH 132 ? 1_555  167.3 ? 
21 O ? D HOH . ? A HOH 131 ? 1_555  MG ? C MG . ? A MG 22 ? 1_555 O ? D HOH . ? A HOH 132 ? 1_555  179.2 ? 
22 O ? D HOH . ? A HOH 101 ? 1_555  MG ? C MG . ? A MG 22 ? 1_555 O ? D HOH . ? A HOH 132 ? 11_555 89.1  ? 
23 O ? D HOH . ? A HOH 102 ? 11_555 MG ? C MG . ? A MG 22 ? 1_555 O ? D HOH . ? A HOH 132 ? 11_555 78.0  ? 
24 O ? D HOH . ? A HOH 131 ? 1_555  MG ? C MG . ? A MG 22 ? 1_555 O ? D HOH . ? A HOH 132 ? 11_555 90.1  ? 
25 O ? D HOH . ? A HOH 132 ? 1_555  MG ? C MG . ? A MG 22 ? 1_555 O ? D HOH . ? A HOH 132 ? 11_555 89.5  ? 
26 O ? D HOH . ? A HOH 101 ? 1_555  MG ? C MG . ? A MG 22 ? 1_555 O ? D HOH . ? A HOH 133 ? 1_555  152.4 ? 
27 O ? D HOH . ? A HOH 102 ? 11_555 MG ? C MG . ? A MG 22 ? 1_555 O ? D HOH . ? A HOH 133 ? 1_555  83.7  ? 
28 O ? D HOH . ? A HOH 131 ? 1_555  MG ? C MG . ? A MG 22 ? 1_555 O ? D HOH . ? A HOH 133 ? 1_555  90.2  ? 
29 O ? D HOH . ? A HOH 132 ? 1_555  MG ? C MG . ? A MG 22 ? 1_555 O ? D HOH . ? A HOH 133 ? 1_555  90.3  ? 
30 O ? D HOH . ? A HOH 132 ? 11_555 MG ? C MG . ? A MG 22 ? 1_555 O ? D HOH . ? A HOH 133 ? 1_555  68.5  ? 
31 O ? D HOH . ? A HOH 101 ? 1_555  MG ? C MG . ? A MG 22 ? 1_555 O ? D HOH . ? A HOH 133 ? 11_555 122.8 ? 
32 O ? D HOH . ? A HOH 102 ? 11_555 MG ? C MG . ? A MG 22 ? 1_555 O ? D HOH . ? A HOH 133 ? 11_555 121.0 ? 
33 O ? D HOH . ? A HOH 131 ? 1_555  MG ? C MG . ? A MG 22 ? 1_555 O ? D HOH . ? A HOH 133 ? 11_555 111.7 ? 
34 O ? D HOH . ? A HOH 132 ? 1_555  MG ? C MG . ? A MG 22 ? 1_555 O ? D HOH . ? A HOH 133 ? 11_555 69.1  ? 
35 O ? D HOH . ? A HOH 132 ? 11_555 MG ? C MG . ? A MG 22 ? 1_555 O ? D HOH . ? A HOH 133 ? 11_555 144.8 ? 
36 O ? D HOH . ? A HOH 133 ? 1_555  MG ? C MG . ? A MG 22 ? 1_555 O ? D HOH . ? A HOH 133 ? 11_555 83.6  ? 
37 O ? D HOH . ? A HOH 101 ? 1_555  MG ? C MG . ? A MG 22 ? 1_555 O ? D HOH . ? A HOH 134 ? 1_555  111.1 ? 
38 O ? D HOH . ? A HOH 102 ? 11_555 MG ? C MG . ? A MG 22 ? 1_555 O ? D HOH . ? A HOH 134 ? 1_555  101.1 ? 
39 O ? D HOH . ? A HOH 131 ? 1_555  MG ? C MG . ? A MG 22 ? 1_555 O ? D HOH . ? A HOH 134 ? 1_555  90.6  ? 
40 O ? D HOH . ? A HOH 132 ? 1_555  MG ? C MG . ? A MG 22 ? 1_555 O ? D HOH . ? A HOH 134 ? 1_555  90.1  ? 
41 O ? D HOH . ? A HOH 132 ? 11_555 MG ? C MG . ? A MG 22 ? 1_555 O ? D HOH . ? A HOH 134 ? 1_555  159.1 ? 
42 O ? D HOH . ? A HOH 133 ? 1_555  MG ? C MG . ? A MG 22 ? 1_555 O ? D HOH . ? A HOH 134 ? 1_555  90.6  ? 
43 O ? D HOH . ? A HOH 133 ? 11_555 MG ? C MG . ? A MG 22 ? 1_555 O ? D HOH . ? A HOH 134 ? 1_555  22.3  ? 
44 O ? D HOH . ? A HOH 101 ? 1_555  MG ? C MG . ? A MG 22 ? 1_555 O ? D HOH . ? A HOH 134 ? 11_555 157.8 ? 
45 O ? D HOH . ? A HOH 102 ? 11_555 MG ? C MG . ? A MG 22 ? 1_555 O ? D HOH . ? A HOH 134 ? 11_555 85.2  ? 
46 O ? D HOH . ? A HOH 131 ? 1_555  MG ? C MG . ? A MG 22 ? 1_555 O ? D HOH . ? A HOH 134 ? 11_555 90.3  ? 
47 O ? D HOH . ? A HOH 132 ? 1_555  MG ? C MG . ? A MG 22 ? 1_555 O ? D HOH . ? A HOH 134 ? 11_555 90.3  ? 
48 O ? D HOH . ? A HOH 132 ? 11_555 MG ? C MG . ? A MG 22 ? 1_555 O ? D HOH . ? A HOH 134 ? 11_555 75.8  ? 
49 O ? D HOH . ? A HOH 133 ? 1_555  MG ? C MG . ? A MG 22 ? 1_555 O ? D HOH . ? A HOH 134 ? 11_555 7.3   ? 
50 O ? D HOH . ? A HOH 133 ? 11_555 MG ? C MG . ? A MG 22 ? 1_555 O ? D HOH . ? A HOH 134 ? 11_555 76.8  ? 
51 O ? D HOH . ? A HOH 134 ? 1_555  MG ? C MG . ? A MG 22 ? 1_555 O ? D HOH . ? A HOH 134 ? 11_555 83.3  ? 
52 O ? D HOH . ? A HOH 101 ? 1_555  MG ? C MG . ? A MG 22 ? 1_555 O ? D HOH . ? A HOH 135 ? 1_555  26.9  ? 
53 O ? D HOH . ? A HOH 102 ? 11_555 MG ? C MG . ? A MG 22 ? 1_555 O ? D HOH . ? A HOH 135 ? 1_555  96.2  ? 
54 O ? D HOH . ? A HOH 131 ? 1_555  MG ? C MG . ? A MG 22 ? 1_555 O ? D HOH . ? A HOH 135 ? 1_555  89.9  ? 
55 O ? D HOH . ? A HOH 132 ? 1_555  MG ? C MG . ? A MG 22 ? 1_555 O ? D HOH . ? A HOH 135 ? 1_555  89.6  ? 
56 O ? D HOH . ? A HOH 132 ? 11_555 MG ? C MG . ? A MG 22 ? 1_555 O ? D HOH . ? A HOH 135 ? 1_555  110.5 ? 
57 O ? D HOH . ? A HOH 133 ? 1_555  MG ? C MG . ? A MG 22 ? 1_555 O ? D HOH . ? A HOH 135 ? 1_555  179.0 ? 
58 O ? D HOH . ? A HOH 133 ? 11_555 MG ? C MG . ? A MG 22 ? 1_555 O ? D HOH . ? A HOH 135 ? 1_555  97.3  ? 
59 O ? D HOH . ? A HOH 134 ? 1_555  MG ? C MG . ? A MG 22 ? 1_555 O ? D HOH . ? A HOH 135 ? 1_555  90.4  ? 
60 O ? D HOH . ? A HOH 134 ? 11_555 MG ? C MG . ? A MG 22 ? 1_555 O ? D HOH . ? A HOH 135 ? 1_555  173.7 ? 
61 O ? D HOH . ? A HOH 101 ? 1_555  MG ? C MG . ? A MG 22 ? 1_555 O ? D HOH . ? A HOH 136 ? 1_555  69.2  ? 
62 O ? D HOH . ? A HOH 102 ? 11_555 MG ? C MG . ? A MG 22 ? 1_555 O ? D HOH . ? A HOH 136 ? 1_555  79.3  ? 
63 O ? D HOH . ? A HOH 131 ? 1_555  MG ? C MG . ? A MG 22 ? 1_555 O ? D HOH . ? A HOH 136 ? 1_555  89.8  ? 
64 O ? D HOH . ? A HOH 132 ? 1_555  MG ? C MG . ? A MG 22 ? 1_555 O ? D HOH . ? A HOH 136 ? 1_555  89.5  ? 
65 O ? D HOH . ? A HOH 132 ? 11_555 MG ? C MG . ? A MG 22 ? 1_555 O ? D HOH . ? A HOH 136 ? 1_555  20.7  ? 
66 O ? D HOH . ? A HOH 133 ? 1_555  MG ? C MG . ? A MG 22 ? 1_555 O ? D HOH . ? A HOH 136 ? 1_555  89.2  ? 
67 O ? D HOH . ? A HOH 133 ? 11_555 MG ? C MG . ? A MG 22 ? 1_555 O ? D HOH . ? A HOH 136 ? 1_555  157.2 ? 
68 O ? D HOH . ? A HOH 134 ? 1_555  MG ? C MG . ? A MG 22 ? 1_555 O ? D HOH . ? A HOH 136 ? 1_555  179.5 ? 
69 O ? D HOH . ? A HOH 134 ? 11_555 MG ? C MG . ? A MG 22 ? 1_555 O ? D HOH . ? A HOH 136 ? 1_555  96.5  ? 
70 O ? D HOH . ? A HOH 135 ? 1_555  MG ? C MG . ? A MG 22 ? 1_555 O ? D HOH . ? A HOH 136 ? 1_555  89.8  ? 
71 O ? D HOH . ? A HOH 101 ? 1_555  MG ? C MG . ? A MG 22 ? 1_555 O ? D HOH . ? A HOH 136 ? 11_555 98.9  ? 
72 O ? D HOH . ? A HOH 102 ? 11_555 MG ? C MG . ? A MG 22 ? 1_555 O ? D HOH . ? A HOH 136 ? 11_555 157.5 ? 
73 O ? D HOH . ? A HOH 131 ? 1_555  MG ? C MG . ? A MG 22 ? 1_555 O ? D HOH . ? A HOH 136 ? 11_555 167.7 ? 
74 O ? D HOH . ? A HOH 132 ? 1_555  MG ? C MG . ? A MG 22 ? 1_555 O ? D HOH . ? A HOH 136 ? 11_555 11.5  ? 
75 O ? D HOH . ? A HOH 132 ? 11_555 MG ? C MG . ? A MG 22 ? 1_555 O ? D HOH . ? A HOH 136 ? 11_555 80.2  ? 
76 O ? D HOH . ? A HOH 133 ? 1_555  MG ? C MG . ? A MG 22 ? 1_555 O ? D HOH . ? A HOH 136 ? 11_555 93.1  ? 
77 O ? D HOH . ? A HOH 133 ? 11_555 MG ? C MG . ? A MG 22 ? 1_555 O ? D HOH . ? A HOH 136 ? 11_555 80.5  ? 
78 O ? D HOH . ? A HOH 134 ? 1_555  MG ? C MG . ? A MG 22 ? 1_555 O ? D HOH . ? A HOH 136 ? 11_555 101.2 ? 
79 O ? D HOH . ? A HOH 134 ? 11_555 MG ? C MG . ? A MG 22 ? 1_555 O ? D HOH . ? A HOH 136 ? 11_555 94.5  ? 
80 O ? D HOH . ? A HOH 135 ? 1_555  MG ? C MG . ? A MG 22 ? 1_555 O ? D HOH . ? A HOH 136 ? 11_555 86.6  ? 
81 O ? D HOH . ? A HOH 136 ? 1_555  MG ? C MG . ? A MG 22 ? 1_555 O ? D HOH . ? A HOH 136 ? 11_555 78.4  ? 
# 
loop_
_struct_site.id 
_struct_site.pdbx_evidence_code 
_struct_site.pdbx_auth_asym_id 
_struct_site.pdbx_auth_comp_id 
_struct_site.pdbx_auth_seq_id 
_struct_site.pdbx_auth_ins_code 
_struct_site.pdbx_num_residues 
_struct_site.details 
AC1 Software A MG 21 ? 6  'BINDING SITE FOR RESIDUE MG A 21' 
AC2 Software A MG 22 ? 12 'BINDING SITE FOR RESIDUE MG A 22' 
# 
loop_
_struct_site_gen.id 
_struct_site_gen.site_id 
_struct_site_gen.pdbx_num_res 
_struct_site_gen.label_comp_id 
_struct_site_gen.label_asym_id 
_struct_site_gen.label_seq_id 
_struct_site_gen.pdbx_auth_ins_code 
_struct_site_gen.auth_comp_id 
_struct_site_gen.auth_asym_id 
_struct_site_gen.auth_seq_id 
_struct_site_gen.label_atom_id 
_struct_site_gen.label_alt_id 
_struct_site_gen.symmetry 
_struct_site_gen.details 
1  AC1 6  HOH D . ? HOH A 125 . ? 1_555  ? 
2  AC1 6  HOH D . ? HOH A 126 . ? 1_555  ? 
3  AC1 6  HOH D . ? HOH A 127 . ? 1_555  ? 
4  AC1 6  HOH D . ? HOH A 128 . ? 1_555  ? 
5  AC1 6  HOH D . ? HOH A 129 . ? 1_555  ? 
6  AC1 6  HOH D . ? HOH A 130 . ? 1_555  ? 
7  AC2 12 HOH D . ? HOH A 101 . ? 1_555  ? 
8  AC2 12 HOH D . ? HOH A 102 . ? 11_555 ? 
9  AC2 12 HOH D . ? HOH A 131 . ? 1_555  ? 
10 AC2 12 HOH D . ? HOH A 132 . ? 11_555 ? 
11 AC2 12 HOH D . ? HOH A 132 . ? 1_555  ? 
12 AC2 12 HOH D . ? HOH A 133 . ? 1_555  ? 
13 AC2 12 HOH D . ? HOH A 133 . ? 11_555 ? 
14 AC2 12 HOH D . ? HOH A 134 . ? 11_555 ? 
15 AC2 12 HOH D . ? HOH A 134 . ? 1_555  ? 
16 AC2 12 HOH D . ? HOH A 135 . ? 1_555  ? 
17 AC2 12 HOH D . ? HOH A 136 . ? 11_555 ? 
18 AC2 12 HOH D . ? HOH A 136 . ? 1_555  ? 
# 
loop_
_pdbx_validate_rmsd_angle.id 
_pdbx_validate_rmsd_angle.PDB_model_num 
_pdbx_validate_rmsd_angle.auth_atom_id_1 
_pdbx_validate_rmsd_angle.auth_asym_id_1 
_pdbx_validate_rmsd_angle.auth_comp_id_1 
_pdbx_validate_rmsd_angle.auth_seq_id_1 
_pdbx_validate_rmsd_angle.PDB_ins_code_1 
_pdbx_validate_rmsd_angle.label_alt_id_1 
_pdbx_validate_rmsd_angle.auth_atom_id_2 
_pdbx_validate_rmsd_angle.auth_asym_id_2 
_pdbx_validate_rmsd_angle.auth_comp_id_2 
_pdbx_validate_rmsd_angle.auth_seq_id_2 
_pdbx_validate_rmsd_angle.PDB_ins_code_2 
_pdbx_validate_rmsd_angle.label_alt_id_2 
_pdbx_validate_rmsd_angle.auth_atom_id_3 
_pdbx_validate_rmsd_angle.auth_asym_id_3 
_pdbx_validate_rmsd_angle.auth_comp_id_3 
_pdbx_validate_rmsd_angle.auth_seq_id_3 
_pdbx_validate_rmsd_angle.PDB_ins_code_3 
_pdbx_validate_rmsd_angle.label_alt_id_3 
_pdbx_validate_rmsd_angle.angle_value 
_pdbx_validate_rmsd_angle.angle_target_value 
_pdbx_validate_rmsd_angle.angle_deviation 
_pdbx_validate_rmsd_angle.angle_standard_deviation 
_pdbx_validate_rmsd_angle.linker_flag 
1 1 "O4'" A DA 1 ? ? "C1'" A DA 1 ? ? N9    A DA 1 ? ? 103.37 108.00 -4.63 0.70 N 
2 1 "O4'" A DC 3 ? ? "C4'" A DC 3 ? ? "C3'" A DC 3 ? ? 102.04 104.50 -2.46 0.40 N 
3 1 "C4'" A DC 3 ? ? "C3'" A DC 3 ? ? "C2'" A DC 3 ? ? 97.56  102.20 -4.64 0.70 N 
4 1 N3    A DC 3 ? ? C4    A DC 3 ? ? C5    A DC 3 ? ? 119.34 121.90 -2.56 0.40 N 
5 1 "C4'" A DG 4 ? ? "C3'" A DG 4 ? ? "C2'" A DG 4 ? ? 97.76  102.20 -4.44 0.70 N 
6 1 "O4'" A DG 4 ? ? "C1'" A DG 4 ? ? N9    A DG 4 ? ? 111.05 108.30 2.75  0.30 N 
7 1 C6    A DC 6 ? ? N1    A DC 6 ? ? C2    A DC 6 ? ? 122.95 120.30 2.65  0.40 N 
8 1 N3    A DC 6 ? ? C4    A DC 6 ? ? N4    A DC 6 ? ? 112.93 118.00 -5.07 0.70 N 
9 1 "O4'" A DG 9 ? ? "C4'" A DG 9 ? ? "C3'" A DG 9 ? ? 101.61 104.50 -2.89 0.40 N 
# 
loop_
_pdbx_validate_planes.id 
_pdbx_validate_planes.PDB_model_num 
_pdbx_validate_planes.auth_comp_id 
_pdbx_validate_planes.auth_asym_id 
_pdbx_validate_planes.auth_seq_id 
_pdbx_validate_planes.PDB_ins_code 
_pdbx_validate_planes.label_alt_id 
_pdbx_validate_planes.rmsd 
_pdbx_validate_planes.type 
1 1 DG A 4  ? ? 0.080 'SIDE CHAIN' 
2 1 DG A 8  ? ? 0.051 'SIDE CHAIN' 
3 1 DG A 9  ? ? 0.060 'SIDE CHAIN' 
4 1 DT A 10 ? ? 0.059 'SIDE CHAIN' 
# 
loop_
_chem_comp_atom.comp_id 
_chem_comp_atom.atom_id 
_chem_comp_atom.type_symbol 
_chem_comp_atom.pdbx_aromatic_flag 
_chem_comp_atom.pdbx_stereo_config 
_chem_comp_atom.pdbx_ordinal 
DA  OP3    O  N N 1   
DA  P      P  N N 2   
DA  OP1    O  N N 3   
DA  OP2    O  N N 4   
DA  "O5'"  O  N N 5   
DA  "C5'"  C  N N 6   
DA  "C4'"  C  N R 7   
DA  "O4'"  O  N N 8   
DA  "C3'"  C  N S 9   
DA  "O3'"  O  N N 10  
DA  "C2'"  C  N N 11  
DA  "C1'"  C  N R 12  
DA  N9     N  Y N 13  
DA  C8     C  Y N 14  
DA  N7     N  Y N 15  
DA  C5     C  Y N 16  
DA  C6     C  Y N 17  
DA  N6     N  N N 18  
DA  N1     N  Y N 19  
DA  C2     C  Y N 20  
DA  N3     N  Y N 21  
DA  C4     C  Y N 22  
DA  HOP3   H  N N 23  
DA  HOP2   H  N N 24  
DA  "H5'"  H  N N 25  
DA  "H5''" H  N N 26  
DA  "H4'"  H  N N 27  
DA  "H3'"  H  N N 28  
DA  "HO3'" H  N N 29  
DA  "H2'"  H  N N 30  
DA  "H2''" H  N N 31  
DA  "H1'"  H  N N 32  
DA  H8     H  N N 33  
DA  H61    H  N N 34  
DA  H62    H  N N 35  
DA  H2     H  N N 36  
DC  OP3    O  N N 37  
DC  P      P  N N 38  
DC  OP1    O  N N 39  
DC  OP2    O  N N 40  
DC  "O5'"  O  N N 41  
DC  "C5'"  C  N N 42  
DC  "C4'"  C  N R 43  
DC  "O4'"  O  N N 44  
DC  "C3'"  C  N S 45  
DC  "O3'"  O  N N 46  
DC  "C2'"  C  N N 47  
DC  "C1'"  C  N R 48  
DC  N1     N  N N 49  
DC  C2     C  N N 50  
DC  O2     O  N N 51  
DC  N3     N  N N 52  
DC  C4     C  N N 53  
DC  N4     N  N N 54  
DC  C5     C  N N 55  
DC  C6     C  N N 56  
DC  HOP3   H  N N 57  
DC  HOP2   H  N N 58  
DC  "H5'"  H  N N 59  
DC  "H5''" H  N N 60  
DC  "H4'"  H  N N 61  
DC  "H3'"  H  N N 62  
DC  "HO3'" H  N N 63  
DC  "H2'"  H  N N 64  
DC  "H2''" H  N N 65  
DC  "H1'"  H  N N 66  
DC  H41    H  N N 67  
DC  H42    H  N N 68  
DC  H5     H  N N 69  
DC  H6     H  N N 70  
DG  OP3    O  N N 71  
DG  P      P  N N 72  
DG  OP1    O  N N 73  
DG  OP2    O  N N 74  
DG  "O5'"  O  N N 75  
DG  "C5'"  C  N N 76  
DG  "C4'"  C  N R 77  
DG  "O4'"  O  N N 78  
DG  "C3'"  C  N S 79  
DG  "O3'"  O  N N 80  
DG  "C2'"  C  N N 81  
DG  "C1'"  C  N R 82  
DG  N9     N  Y N 83  
DG  C8     C  Y N 84  
DG  N7     N  Y N 85  
DG  C5     C  Y N 86  
DG  C6     C  N N 87  
DG  O6     O  N N 88  
DG  N1     N  N N 89  
DG  C2     C  N N 90  
DG  N2     N  N N 91  
DG  N3     N  N N 92  
DG  C4     C  Y N 93  
DG  HOP3   H  N N 94  
DG  HOP2   H  N N 95  
DG  "H5'"  H  N N 96  
DG  "H5''" H  N N 97  
DG  "H4'"  H  N N 98  
DG  "H3'"  H  N N 99  
DG  "HO3'" H  N N 100 
DG  "H2'"  H  N N 101 
DG  "H2''" H  N N 102 
DG  "H1'"  H  N N 103 
DG  H8     H  N N 104 
DG  H1     H  N N 105 
DG  H21    H  N N 106 
DG  H22    H  N N 107 
DT  OP3    O  N N 108 
DT  P      P  N N 109 
DT  OP1    O  N N 110 
DT  OP2    O  N N 111 
DT  "O5'"  O  N N 112 
DT  "C5'"  C  N N 113 
DT  "C4'"  C  N R 114 
DT  "O4'"  O  N N 115 
DT  "C3'"  C  N S 116 
DT  "O3'"  O  N N 117 
DT  "C2'"  C  N N 118 
DT  "C1'"  C  N R 119 
DT  N1     N  N N 120 
DT  C2     C  N N 121 
DT  O2     O  N N 122 
DT  N3     N  N N 123 
DT  C4     C  N N 124 
DT  O4     O  N N 125 
DT  C5     C  N N 126 
DT  C7     C  N N 127 
DT  C6     C  N N 128 
DT  HOP3   H  N N 129 
DT  HOP2   H  N N 130 
DT  "H5'"  H  N N 131 
DT  "H5''" H  N N 132 
DT  "H4'"  H  N N 133 
DT  "H3'"  H  N N 134 
DT  "HO3'" H  N N 135 
DT  "H2'"  H  N N 136 
DT  "H2''" H  N N 137 
DT  "H1'"  H  N N 138 
DT  H3     H  N N 139 
DT  H71    H  N N 140 
DT  H72    H  N N 141 
DT  H73    H  N N 142 
DT  H6     H  N N 143 
HOH O      O  N N 144 
HOH H1     H  N N 145 
HOH H2     H  N N 146 
MG  MG     MG N N 147 
# 
loop_
_chem_comp_bond.comp_id 
_chem_comp_bond.atom_id_1 
_chem_comp_bond.atom_id_2 
_chem_comp_bond.value_order 
_chem_comp_bond.pdbx_aromatic_flag 
_chem_comp_bond.pdbx_stereo_config 
_chem_comp_bond.pdbx_ordinal 
DA  OP3   P      sing N N 1   
DA  OP3   HOP3   sing N N 2   
DA  P     OP1    doub N N 3   
DA  P     OP2    sing N N 4   
DA  P     "O5'"  sing N N 5   
DA  OP2   HOP2   sing N N 6   
DA  "O5'" "C5'"  sing N N 7   
DA  "C5'" "C4'"  sing N N 8   
DA  "C5'" "H5'"  sing N N 9   
DA  "C5'" "H5''" sing N N 10  
DA  "C4'" "O4'"  sing N N 11  
DA  "C4'" "C3'"  sing N N 12  
DA  "C4'" "H4'"  sing N N 13  
DA  "O4'" "C1'"  sing N N 14  
DA  "C3'" "O3'"  sing N N 15  
DA  "C3'" "C2'"  sing N N 16  
DA  "C3'" "H3'"  sing N N 17  
DA  "O3'" "HO3'" sing N N 18  
DA  "C2'" "C1'"  sing N N 19  
DA  "C2'" "H2'"  sing N N 20  
DA  "C2'" "H2''" sing N N 21  
DA  "C1'" N9     sing N N 22  
DA  "C1'" "H1'"  sing N N 23  
DA  N9    C8     sing Y N 24  
DA  N9    C4     sing Y N 25  
DA  C8    N7     doub Y N 26  
DA  C8    H8     sing N N 27  
DA  N7    C5     sing Y N 28  
DA  C5    C6     sing Y N 29  
DA  C5    C4     doub Y N 30  
DA  C6    N6     sing N N 31  
DA  C6    N1     doub Y N 32  
DA  N6    H61    sing N N 33  
DA  N6    H62    sing N N 34  
DA  N1    C2     sing Y N 35  
DA  C2    N3     doub Y N 36  
DA  C2    H2     sing N N 37  
DA  N3    C4     sing Y N 38  
DC  OP3   P      sing N N 39  
DC  OP3   HOP3   sing N N 40  
DC  P     OP1    doub N N 41  
DC  P     OP2    sing N N 42  
DC  P     "O5'"  sing N N 43  
DC  OP2   HOP2   sing N N 44  
DC  "O5'" "C5'"  sing N N 45  
DC  "C5'" "C4'"  sing N N 46  
DC  "C5'" "H5'"  sing N N 47  
DC  "C5'" "H5''" sing N N 48  
DC  "C4'" "O4'"  sing N N 49  
DC  "C4'" "C3'"  sing N N 50  
DC  "C4'" "H4'"  sing N N 51  
DC  "O4'" "C1'"  sing N N 52  
DC  "C3'" "O3'"  sing N N 53  
DC  "C3'" "C2'"  sing N N 54  
DC  "C3'" "H3'"  sing N N 55  
DC  "O3'" "HO3'" sing N N 56  
DC  "C2'" "C1'"  sing N N 57  
DC  "C2'" "H2'"  sing N N 58  
DC  "C2'" "H2''" sing N N 59  
DC  "C1'" N1     sing N N 60  
DC  "C1'" "H1'"  sing N N 61  
DC  N1    C2     sing N N 62  
DC  N1    C6     sing N N 63  
DC  C2    O2     doub N N 64  
DC  C2    N3     sing N N 65  
DC  N3    C4     doub N N 66  
DC  C4    N4     sing N N 67  
DC  C4    C5     sing N N 68  
DC  N4    H41    sing N N 69  
DC  N4    H42    sing N N 70  
DC  C5    C6     doub N N 71  
DC  C5    H5     sing N N 72  
DC  C6    H6     sing N N 73  
DG  OP3   P      sing N N 74  
DG  OP3   HOP3   sing N N 75  
DG  P     OP1    doub N N 76  
DG  P     OP2    sing N N 77  
DG  P     "O5'"  sing N N 78  
DG  OP2   HOP2   sing N N 79  
DG  "O5'" "C5'"  sing N N 80  
DG  "C5'" "C4'"  sing N N 81  
DG  "C5'" "H5'"  sing N N 82  
DG  "C5'" "H5''" sing N N 83  
DG  "C4'" "O4'"  sing N N 84  
DG  "C4'" "C3'"  sing N N 85  
DG  "C4'" "H4'"  sing N N 86  
DG  "O4'" "C1'"  sing N N 87  
DG  "C3'" "O3'"  sing N N 88  
DG  "C3'" "C2'"  sing N N 89  
DG  "C3'" "H3'"  sing N N 90  
DG  "O3'" "HO3'" sing N N 91  
DG  "C2'" "C1'"  sing N N 92  
DG  "C2'" "H2'"  sing N N 93  
DG  "C2'" "H2''" sing N N 94  
DG  "C1'" N9     sing N N 95  
DG  "C1'" "H1'"  sing N N 96  
DG  N9    C8     sing Y N 97  
DG  N9    C4     sing Y N 98  
DG  C8    N7     doub Y N 99  
DG  C8    H8     sing N N 100 
DG  N7    C5     sing Y N 101 
DG  C5    C6     sing N N 102 
DG  C5    C4     doub Y N 103 
DG  C6    O6     doub N N 104 
DG  C6    N1     sing N N 105 
DG  N1    C2     sing N N 106 
DG  N1    H1     sing N N 107 
DG  C2    N2     sing N N 108 
DG  C2    N3     doub N N 109 
DG  N2    H21    sing N N 110 
DG  N2    H22    sing N N 111 
DG  N3    C4     sing N N 112 
DT  OP3   P      sing N N 113 
DT  OP3   HOP3   sing N N 114 
DT  P     OP1    doub N N 115 
DT  P     OP2    sing N N 116 
DT  P     "O5'"  sing N N 117 
DT  OP2   HOP2   sing N N 118 
DT  "O5'" "C5'"  sing N N 119 
DT  "C5'" "C4'"  sing N N 120 
DT  "C5'" "H5'"  sing N N 121 
DT  "C5'" "H5''" sing N N 122 
DT  "C4'" "O4'"  sing N N 123 
DT  "C4'" "C3'"  sing N N 124 
DT  "C4'" "H4'"  sing N N 125 
DT  "O4'" "C1'"  sing N N 126 
DT  "C3'" "O3'"  sing N N 127 
DT  "C3'" "C2'"  sing N N 128 
DT  "C3'" "H3'"  sing N N 129 
DT  "O3'" "HO3'" sing N N 130 
DT  "C2'" "C1'"  sing N N 131 
DT  "C2'" "H2'"  sing N N 132 
DT  "C2'" "H2''" sing N N 133 
DT  "C1'" N1     sing N N 134 
DT  "C1'" "H1'"  sing N N 135 
DT  N1    C2     sing N N 136 
DT  N1    C6     sing N N 137 
DT  C2    O2     doub N N 138 
DT  C2    N3     sing N N 139 
DT  N3    C4     sing N N 140 
DT  N3    H3     sing N N 141 
DT  C4    O4     doub N N 142 
DT  C4    C5     sing N N 143 
DT  C5    C7     sing N N 144 
DT  C5    C6     doub N N 145 
DT  C7    H71    sing N N 146 
DT  C7    H72    sing N N 147 
DT  C7    H73    sing N N 148 
DT  C6    H6     sing N N 149 
HOH O     H1     sing N N 150 
HOH O     H2     sing N N 151 
# 
_ndb_struct_conf_na.entry_id   1DNZ 
_ndb_struct_conf_na.feature    'a-form double helix' 
# 
loop_
_ndb_struct_na_base_pair.model_number 
_ndb_struct_na_base_pair.i_label_asym_id 
_ndb_struct_na_base_pair.i_label_comp_id 
_ndb_struct_na_base_pair.i_label_seq_id 
_ndb_struct_na_base_pair.i_symmetry 
_ndb_struct_na_base_pair.j_label_asym_id 
_ndb_struct_na_base_pair.j_label_comp_id 
_ndb_struct_na_base_pair.j_label_seq_id 
_ndb_struct_na_base_pair.j_symmetry 
_ndb_struct_na_base_pair.shear 
_ndb_struct_na_base_pair.stretch 
_ndb_struct_na_base_pair.stagger 
_ndb_struct_na_base_pair.buckle 
_ndb_struct_na_base_pair.propeller 
_ndb_struct_na_base_pair.opening 
_ndb_struct_na_base_pair.pair_number 
_ndb_struct_na_base_pair.pair_name 
_ndb_struct_na_base_pair.i_auth_asym_id 
_ndb_struct_na_base_pair.i_auth_seq_id 
_ndb_struct_na_base_pair.i_PDB_ins_code 
_ndb_struct_na_base_pair.j_auth_asym_id 
_ndb_struct_na_base_pair.j_auth_seq_id 
_ndb_struct_na_base_pair.j_PDB_ins_code 
_ndb_struct_na_base_pair.hbond_type_28 
_ndb_struct_na_base_pair.hbond_type_12 
1 A DA 1  1_555 A DT 10 11_555 -0.732 -0.613 -0.026 -5.470  -14.267 -7.138 1  A_DA1:DT10_A A 1  ? A 10 ? 20 1 
1 A DC 2  1_555 A DG 9  11_555 0.211  -0.141 0.145  7.488   -12.995 2.159  2  A_DC2:DG9_A  A 2  ? A 9  ? 19 1 
1 A DC 3  1_555 A DG 8  11_555 0.143  -0.083 -0.038 7.265   -12.771 0.221  3  A_DC3:DG8_A  A 3  ? A 8  ? 19 1 
1 A DG 4  1_555 A DC 7  11_555 -0.214 -0.118 0.380  11.275  -9.851  2.010  4  A_DG4:DC7_A  A 4  ? A 7  ? 19 1 
1 A DG 5  1_555 A DC 6  11_555 -0.340 -0.096 0.154  2.426   -19.532 0.338  5  A_DG5:DC6_A  A 5  ? A 6  ? 19 1 
1 A DC 6  1_555 A DG 5  11_555 0.340  -0.096 0.154  -2.426  -19.532 0.338  6  A_DC6:DG5_A  A 6  ? A 5  ? 19 1 
1 A DC 7  1_555 A DG 4  11_555 0.214  -0.118 0.380  -11.275 -9.851  2.010  7  A_DC7:DG4_A  A 7  ? A 4  ? 19 1 
1 A DG 8  1_555 A DC 3  11_555 -0.143 -0.083 -0.038 -7.265  -12.771 0.221  8  A_DG8:DC3_A  A 8  ? A 3  ? 19 1 
1 A DG 9  1_555 A DC 2  11_555 -0.211 -0.141 0.145  -7.488  -12.995 2.159  9  A_DG9:DC2_A  A 9  ? A 2  ? 19 1 
1 A DT 10 1_555 A DA 1  11_555 0.732  -0.613 -0.026 5.470   -14.267 -7.138 10 A_DT10:DA1_A A 10 ? A 1  ? 20 1 
# 
loop_
_ndb_struct_na_base_pair_step.model_number 
_ndb_struct_na_base_pair_step.i_label_asym_id_1 
_ndb_struct_na_base_pair_step.i_label_comp_id_1 
_ndb_struct_na_base_pair_step.i_label_seq_id_1 
_ndb_struct_na_base_pair_step.i_symmetry_1 
_ndb_struct_na_base_pair_step.j_label_asym_id_1 
_ndb_struct_na_base_pair_step.j_label_comp_id_1 
_ndb_struct_na_base_pair_step.j_label_seq_id_1 
_ndb_struct_na_base_pair_step.j_symmetry_1 
_ndb_struct_na_base_pair_step.i_label_asym_id_2 
_ndb_struct_na_base_pair_step.i_label_comp_id_2 
_ndb_struct_na_base_pair_step.i_label_seq_id_2 
_ndb_struct_na_base_pair_step.i_symmetry_2 
_ndb_struct_na_base_pair_step.j_label_asym_id_2 
_ndb_struct_na_base_pair_step.j_label_comp_id_2 
_ndb_struct_na_base_pair_step.j_label_seq_id_2 
_ndb_struct_na_base_pair_step.j_symmetry_2 
_ndb_struct_na_base_pair_step.shift 
_ndb_struct_na_base_pair_step.slide 
_ndb_struct_na_base_pair_step.rise 
_ndb_struct_na_base_pair_step.tilt 
_ndb_struct_na_base_pair_step.roll 
_ndb_struct_na_base_pair_step.twist 
_ndb_struct_na_base_pair_step.x_displacement 
_ndb_struct_na_base_pair_step.y_displacement 
_ndb_struct_na_base_pair_step.helical_rise 
_ndb_struct_na_base_pair_step.inclination 
_ndb_struct_na_base_pair_step.tip 
_ndb_struct_na_base_pair_step.helical_twist 
_ndb_struct_na_base_pair_step.step_number 
_ndb_struct_na_base_pair_step.step_name 
_ndb_struct_na_base_pair_step.i_auth_asym_id_1 
_ndb_struct_na_base_pair_step.i_auth_seq_id_1 
_ndb_struct_na_base_pair_step.i_PDB_ins_code_1 
_ndb_struct_na_base_pair_step.j_auth_asym_id_1 
_ndb_struct_na_base_pair_step.j_auth_seq_id_1 
_ndb_struct_na_base_pair_step.j_PDB_ins_code_1 
_ndb_struct_na_base_pair_step.i_auth_asym_id_2 
_ndb_struct_na_base_pair_step.i_auth_seq_id_2 
_ndb_struct_na_base_pair_step.i_PDB_ins_code_2 
_ndb_struct_na_base_pair_step.j_auth_asym_id_2 
_ndb_struct_na_base_pair_step.j_auth_seq_id_2 
_ndb_struct_na_base_pair_step.j_PDB_ins_code_2 
1 A DA 1 1_555 A DT 10 11_555 A DC 2  1_555 A DG 9 11_555 0.874  -1.211 2.902 -2.057 7.898  37.239 -2.700 -1.559 2.551 12.188 
3.174   38.092 1 AA_DA1DC2:DG9DT10_AA A 1 ? A 10 ? A 2  ? A 9 ? 
1 A DC 2 1_555 A DG 9  11_555 A DC 3  1_555 A DG 8 11_555 -0.200 -1.406 3.268 -0.478 5.589  34.374 -3.172 0.265  3.012 9.380  
0.802   34.815 2 AA_DC2DC3:DG8DG9_AA  A 2 ? A 9  ? A 3  ? A 8 ? 
1 A DC 3 1_555 A DG 8  11_555 A DG 4  1_555 A DC 7 11_555 -0.278 -1.719 3.097 -5.181 11.244 24.896 -5.879 -0.479 2.149 24.260 
11.179  27.761 3 AA_DC3DG4:DC7DG8_AA  A 3 ? A 8  ? A 4  ? A 7 ? 
1 A DG 4 1_555 A DC 7  11_555 A DG 5  1_555 A DC 6 11_555 -0.568 -1.379 3.289 -2.333 8.034  34.794 -3.365 0.600  2.939 13.201 
3.834   35.755 4 AA_DG4DG5:DC6DC7_AA  A 4 ? A 7  ? A 5  ? A 6 ? 
1 A DG 5 1_555 A DC 6  11_555 A DC 6  1_555 A DG 5 11_555 0.000  -1.262 3.328 0.000  4.777  35.883 -2.699 0.000  3.140 7.711  
0.000   36.189 5 AA_DG5DC6:DG5DC6_AA  A 5 ? A 6  ? A 6  ? A 5 ? 
1 A DC 6 1_555 A DG 5  11_555 A DC 7  1_555 A DG 4 11_555 0.568  -1.379 3.289 2.333  8.034  34.794 -3.365 -0.600 2.939 13.201 
-3.834  35.755 6 AA_DC6DC7:DG4DG5_AA  A 6 ? A 5  ? A 7  ? A 4 ? 
1 A DC 7 1_555 A DG 4  11_555 A DG 8  1_555 A DC 3 11_555 0.278  -1.719 3.097 5.181  11.244 24.896 -5.879 0.479  2.149 24.260 
-11.179 27.761 7 AA_DC7DG8:DC3DG4_AA  A 7 ? A 4  ? A 8  ? A 3 ? 
1 A DG 8 1_555 A DC 3  11_555 A DG 9  1_555 A DC 2 11_555 0.200  -1.406 3.268 0.478  5.589  34.374 -3.172 -0.265 3.012 9.380  
-0.802  34.815 8 AA_DG8DG9:DC2DC3_AA  A 8 ? A 3  ? A 9  ? A 2 ? 
1 A DG 9 1_555 A DC 2  11_555 A DT 10 1_555 A DA 1 11_555 -0.874 -1.211 2.902 2.057  7.898  37.239 -2.700 1.559  2.551 12.188 
-3.174  38.092 9 AA_DG9DT10:DA1DC2_AA A 9 ? A 2  ? A 10 ? A 1 ? 
# 
_atom_sites.entry_id                    1DNZ 
_atom_sites.fract_transf_matrix[1][1]   0.01930143 
_atom_sites.fract_transf_matrix[1][2]   0.01795278 
_atom_sites.fract_transf_matrix[1][3]   0.01430382 
_atom_sites.fract_transf_matrix[2][1]   0.01737707 
_atom_sites.fract_transf_matrix[2][2]   0.01880739 
_atom_sites.fract_transf_matrix[2][3]   -0.01561345 
_atom_sites.fract_transf_matrix[3][1]   -0.00908372 
_atom_sites.fract_transf_matrix[3][2]   0.00909361 
_atom_sites.fract_transf_matrix[3][3]   0.00084406 
_atom_sites.fract_transf_vector[1]      0.480730 
_atom_sites.fract_transf_vector[2]      0.854471 
_atom_sites.fract_transf_vector[3]      0.265472 
# 
loop_
_atom_type.symbol 
C  
MG 
N  
O  
P  
# 
loop_
_atom_site.group_PDB 
_atom_site.id 
_atom_site.type_symbol 
_atom_site.label_atom_id 
_atom_site.label_alt_id 
_atom_site.label_comp_id 
_atom_site.label_asym_id 
_atom_site.label_entity_id 
_atom_site.label_seq_id 
_atom_site.pdbx_PDB_ins_code 
_atom_site.Cartn_x 
_atom_site.Cartn_y 
_atom_site.Cartn_z 
_atom_site.occupancy 
_atom_site.B_iso_or_equiv 
_atom_site.pdbx_formal_charge 
_atom_site.auth_seq_id 
_atom_site.auth_comp_id 
_atom_site.auth_asym_id 
_atom_site.auth_atom_id 
_atom_site.pdbx_PDB_model_num 
ATOM   1   O  "O5'" . DA  A 1 1  ? -5.813  -11.818 -6.504 1.00 35.01 ? 1   DA  A "O5'" 1 
ATOM   2   C  "C5'" . DA  A 1 1  ? -6.836  -12.439 -5.709 1.00 36.66 ? 1   DA  A "C5'" 1 
ATOM   3   C  "C4'" . DA  A 1 1  ? -6.279  -13.480 -4.771 1.00 23.72 ? 1   DA  A "C4'" 1 
ATOM   4   O  "O4'" . DA  A 1 1  ? -5.407  -14.403 -5.461 1.00 22.84 ? 1   DA  A "O4'" 1 
ATOM   5   C  "C3'" . DA  A 1 1  ? -5.415  -12.910 -3.651 1.00 21.34 ? 1   DA  A "C3'" 1 
ATOM   6   O  "O3'" . DA  A 1 1  ? -6.190  -12.390 -2.583 1.00 28.12 ? 1   DA  A "O3'" 1 
ATOM   7   C  "C2'" . DA  A 1 1  ? -4.607  -14.150 -3.247 1.00 16.55 ? 1   DA  A "C2'" 1 
ATOM   8   C  "C1'" . DA  A 1 1  ? -4.301  -14.739 -4.624 1.00 23.49 ? 1   DA  A "C1'" 1 
ATOM   9   N  N9    . DA  A 1 1  ? -3.173  -14.020 -5.243 1.00 27.22 ? 1   DA  A N9    1 
ATOM   10  C  C8    . DA  A 1 1  ? -3.253  -13.121 -6.282 1.00 26.21 ? 1   DA  A C8    1 
ATOM   11  N  N7    . DA  A 1 1  ? -2.067  -12.730 -6.675 1.00 30.30 ? 1   DA  A N7    1 
ATOM   12  C  C5    . DA  A 1 1  ? -1.193  -13.568 -6.007 1.00 24.24 ? 1   DA  A C5    1 
ATOM   13  C  C6    . DA  A 1 1  ? 0.210   -13.572 -5.907 1.00 25.06 ? 1   DA  A C6    1 
ATOM   14  N  N6    . DA  A 1 1  ? 0.983   -12.798 -6.674 1.00 46.52 ? 1   DA  A N6    1 
ATOM   15  N  N1    . DA  A 1 1  ? 0.767   -14.394 -5.002 1.00 24.89 ? 1   DA  A N1    1 
ATOM   16  C  C2    . DA  A 1 1  ? -0.003  -15.137 -4.199 1.00 29.06 ? 1   DA  A C2    1 
ATOM   17  N  N3    . DA  A 1 1  ? -1.333  -15.160 -4.149 1.00 24.69 ? 1   DA  A N3    1 
ATOM   18  C  C4    . DA  A 1 1  ? -1.858  -14.297 -5.032 1.00 20.49 ? 1   DA  A C4    1 
ATOM   19  P  P     . DC  A 1 2  ? -5.833  -11.011 -1.844 1.00 25.25 ? 2   DC  A P     1 
ATOM   20  O  OP1   . DC  A 1 2  ? -6.787  -10.817 -0.728 1.00 26.96 ? 2   DC  A OP1   1 
ATOM   21  O  OP2   . DC  A 1 2  ? -5.566  -9.941  -2.821 1.00 30.08 ? 2   DC  A OP2   1 
ATOM   22  O  "O5'" . DC  A 1 2  ? -4.426  -11.299 -1.122 1.00 25.29 ? 2   DC  A "O5'" 1 
ATOM   23  C  "C5'" . DC  A 1 2  ? -4.380  -12.243 -0.049 1.00 21.62 ? 2   DC  A "C5'" 1 
ATOM   24  C  "C4'" . DC  A 1 2  ? -2.979  -12.679 0.265  1.00 21.66 ? 2   DC  A "C4'" 1 
ATOM   25  O  "O4'" . DC  A 1 2  ? -2.338  -13.293 -0.870 1.00 21.02 ? 2   DC  A "O4'" 1 
ATOM   26  C  "C3'" . DC  A 1 2  ? -2.055  -11.502 0.630  1.00 19.42 ? 2   DC  A "C3'" 1 
ATOM   27  O  "O3'" . DC  A 1 2  ? -2.133  -11.271 2.038  1.00 23.67 ? 2   DC  A "O3'" 1 
ATOM   28  C  "C2'" . DC  A 1 2  ? -0.699  -12.069 0.276  1.00 16.65 ? 2   DC  A "C2'" 1 
ATOM   29  C  "C1'" . DC  A 1 2  ? -0.990  -12.879 -0.968 1.00 20.90 ? 2   DC  A "C1'" 1 
ATOM   30  N  N1    . DC  A 1 2  ? -0.843  -12.061 -2.182 1.00 22.86 ? 2   DC  A N1    1 
ATOM   31  C  C2    . DC  A 1 2  ? 0.460   -11.969 -2.671 1.00 16.52 ? 2   DC  A C2    1 
ATOM   32  O  O2    . DC  A 1 2  ? 1.342   -12.533 -2.018 1.00 20.48 ? 2   DC  A O2    1 
ATOM   33  N  N3    . DC  A 1 2  ? 0.677   -11.297 -3.809 1.00 19.45 ? 2   DC  A N3    1 
ATOM   34  C  C4    . DC  A 1 2  ? -0.345  -10.686 -4.421 1.00 23.92 ? 2   DC  A C4    1 
ATOM   35  N  N4    . DC  A 1 2  ? -0.060  -10.059 -5.572 1.00 21.61 ? 2   DC  A N4    1 
ATOM   36  C  C5    . DC  A 1 2  ? -1.690  -10.774 -3.964 1.00 19.65 ? 2   DC  A C5    1 
ATOM   37  C  C6    . DC  A 1 2  ? -1.882  -11.434 -2.804 1.00 23.88 ? 2   DC  A C6    1 
ATOM   38  P  P     . DC  A 1 3  ? -1.796  -9.832  2.672  1.00 28.66 ? 3   DC  A P     1 
ATOM   39  O  OP1   . DC  A 1 3  ? -2.056  -9.907  4.118  1.00 30.88 ? 3   DC  A OP1   1 
ATOM   40  O  OP2   . DC  A 1 3  ? -2.275  -8.733  1.820  1.00 25.63 ? 3   DC  A OP2   1 
ATOM   41  O  "O5'" . DC  A 1 3  ? -0.197  -9.779  2.544  1.00 22.60 ? 3   DC  A "O5'" 1 
ATOM   42  C  "C5'" . DC  A 1 3  ? 0.649   -10.490 3.441  1.00 22.94 ? 3   DC  A "C5'" 1 
ATOM   43  C  "C4'" . DC  A 1 3  ? 2.052   -10.425 2.920  1.00 20.21 ? 3   DC  A "C4'" 1 
ATOM   44  O  "O4'" . DC  A 1 3  ? 2.209   -10.914 1.564  1.00 26.10 ? 3   DC  A "O4'" 1 
ATOM   45  C  "C3'" . DC  A 1 3  ? 2.531   -8.954  2.791  1.00 27.34 ? 3   DC  A "C3'" 1 
ATOM   46  O  "O3'" . DC  A 1 3  ? 2.780   -8.424  4.092  1.00 40.87 ? 3   DC  A "O3'" 1 
ATOM   47  C  "C2'" . DC  A 1 3  ? 3.808   -9.228  2.016  1.00 16.69 ? 3   DC  A "C2'" 1 
ATOM   48  C  "C1'" . DC  A 1 3  ? 3.244   -10.151 0.921  1.00 22.87 ? 3   DC  A "C1'" 1 
ATOM   49  N  N1    . DC  A 1 3  ? 2.628   -9.422  -0.212 1.00 19.03 ? 3   DC  A N1    1 
ATOM   50  C  C2    . DC  A 1 3  ? 3.432   -9.009  -1.269 1.00 21.25 ? 3   DC  A C2    1 
ATOM   51  O  O2    . DC  A 1 3  ? 4.648   -9.181  -1.184 1.00 21.35 ? 3   DC  A O2    1 
ATOM   52  N  N3    . DC  A 1 3  ? 2.882   -8.443  -2.364 1.00 13.69 ? 3   DC  A N3    1 
ATOM   53  C  C4    . DC  A 1 3  ? 1.553   -8.316  -2.483 1.00 18.03 ? 3   DC  A C4    1 
ATOM   54  N  N4    . DC  A 1 3  ? 1.069   -7.642  -3.546 1.00 19.86 ? 3   DC  A N4    1 
ATOM   55  C  C5    . DC  A 1 3  ? 0.718   -8.612  -1.360 1.00 21.35 ? 3   DC  A C5    1 
ATOM   56  C  C6    . DC  A 1 3  ? 1.282   -9.263  -0.325 1.00 15.80 ? 3   DC  A C6    1 
ATOM   57  P  P     . DG  A 1 4  ? 2.528   -6.866  4.413  1.00 31.61 ? 4   DG  A P     1 
ATOM   58  O  OP1   . DG  A 1 4  ? 2.635   -6.728  5.888  1.00 38.68 ? 4   DG  A OP1   1 
ATOM   59  O  OP2   . DG  A 1 4  ? 1.357   -6.338  3.661  1.00 26.56 ? 4   DG  A OP2   1 
ATOM   60  O  "O5'" . DG  A 1 4  ? 3.815   -6.134  3.811  1.00 26.12 ? 4   DG  A "O5'" 1 
ATOM   61  C  "C5'" . DG  A 1 4  ? 5.143   -6.627  4.023  1.00 28.32 ? 4   DG  A "C5'" 1 
ATOM   62  C  "C4'" . DG  A 1 4  ? 6.114   -6.018  3.058  1.00 26.25 ? 4   DG  A "C4'" 1 
ATOM   63  O  "O4'" . DG  A 1 4  ? 6.051   -6.677  1.762  1.00 23.63 ? 4   DG  A "O4'" 1 
ATOM   64  C  "C3'" . DG  A 1 4  ? 5.909   -4.531  2.734  1.00 25.89 ? 4   DG  A "C3'" 1 
ATOM   65  O  "O3'" . DG  A 1 4  ? 6.589   -3.765  3.735  1.00 42.68 ? 4   DG  A "O3'" 1 
ATOM   66  C  "C2'" . DG  A 1 4  ? 6.805   -4.464  1.485  1.00 25.21 ? 4   DG  A "C2'" 1 
ATOM   67  C  "C1'" . DG  A 1 4  ? 6.301   -5.706  0.746  1.00 26.91 ? 4   DG  A "C1'" 1 
ATOM   68  N  N9    . DG  A 1 4  ? 5.088   -5.420  -0.016 1.00 20.81 ? 4   DG  A N9    1 
ATOM   69  C  C8    . DG  A 1 4  ? 3.764   -5.670  0.241  1.00 25.90 ? 4   DG  A C8    1 
ATOM   70  N  N7    . DG  A 1 4  ? 2.968   -5.401  -0.772 1.00 23.31 ? 4   DG  A N7    1 
ATOM   71  C  C5    . DG  A 1 4  ? 3.830   -4.916  -1.749 1.00 14.42 ? 4   DG  A C5    1 
ATOM   72  C  C6    . DG  A 1 4  ? 3.597   -4.454  -3.074 1.00 21.97 ? 4   DG  A C6    1 
ATOM   73  O  O6    . DG  A 1 4  ? 2.548   -4.572  -3.722 1.00 17.97 ? 4   DG  A O6    1 
ATOM   74  N  N1    . DG  A 1 4  ? 4.765   -4.014  -3.705 1.00 18.82 ? 4   DG  A N1    1 
ATOM   75  C  C2    . DG  A 1 4  ? 6.013   -3.984  -3.137 1.00 18.30 ? 4   DG  A C2    1 
ATOM   76  N  N2    . DG  A 1 4  ? 7.037   -3.505  -3.870 1.00 18.65 ? 4   DG  A N2    1 
ATOM   77  N  N3    . DG  A 1 4  ? 6.247   -4.434  -1.901 1.00 19.29 ? 4   DG  A N3    1 
ATOM   78  C  C4    . DG  A 1 4  ? 5.134   -4.926  -1.307 1.00 18.11 ? 4   DG  A C4    1 
ATOM   79  P  P     . DG  A 1 5  ? 6.287   -2.243  4.069  1.00 34.07 ? 5   DG  A P     1 
ATOM   80  O  OP1   . DG  A 1 5  ? 7.010   -1.945  5.345  1.00 35.81 ? 5   DG  A OP1   1 
ATOM   81  O  OP2   . DG  A 1 5  ? 4.849   -1.926  3.933  1.00 28.81 ? 5   DG  A OP2   1 
ATOM   82  O  "O5'" . DG  A 1 5  ? 7.039   -1.368  2.964  1.00 33.87 ? 5   DG  A "O5'" 1 
ATOM   83  C  "C5'" . DG  A 1 5  ? 8.450   -1.521  2.784  1.00 21.58 ? 5   DG  A "C5'" 1 
ATOM   84  C  "C4'" . DG  A 1 5  ? 8.863   -0.851  1.498  1.00 24.28 ? 5   DG  A "C4'" 1 
ATOM   85  O  "O4'" . DG  A 1 5  ? 8.515   -1.665  0.353  1.00 26.08 ? 5   DG  A "O4'" 1 
ATOM   86  C  "C3'" . DG  A 1 5  ? 8.210   0.516   1.216  1.00 23.19 ? 5   DG  A "C3'" 1 
ATOM   87  O  "O3'" . DG  A 1 5  ? 9.009   1.547   1.815  1.00 23.02 ? 5   DG  A "O3'" 1 
ATOM   88  C  "C2'" . DG  A 1 5  ? 8.433   0.598   -0.290 1.00 21.17 ? 5   DG  A "C2'" 1 
ATOM   89  C  "C1'" . DG  A 1 5  ? 8.086   -0.823  -0.715 1.00 22.76 ? 5   DG  A "C1'" 1 
ATOM   90  N  N9    . DG  A 1 5  ? 6.680   -1.035  -0.952 1.00 18.38 ? 5   DG  A N9    1 
ATOM   91  C  C8    . DG  A 1 5  ? 5.763   -1.617  -0.105 1.00 16.38 ? 5   DG  A C8    1 
ATOM   92  N  N7    . DG  A 1 5  ? 4.558   -1.652  -0.582 1.00 19.99 ? 5   DG  A N7    1 
ATOM   93  C  C5    . DG  A 1 5  ? 4.696   -1.167  -1.871 1.00 19.53 ? 5   DG  A C5    1 
ATOM   94  C  C6    . DG  A 1 5  ? 3.702   -0.970  -2.857 1.00 20.14 ? 5   DG  A C6    1 
ATOM   95  O  O6    . DG  A 1 5  ? 2.494   -1.240  -2.800 1.00 22.20 ? 5   DG  A O6    1 
ATOM   96  N  N1    . DG  A 1 5  ? 4.238   -0.245  -3.924 1.00 20.68 ? 5   DG  A N1    1 
ATOM   97  C  C2    . DG  A 1 5  ? 5.534   0.169   -4.052 1.00 22.29 ? 5   DG  A C2    1 
ATOM   98  N  N2    . DG  A 1 5  ? 5.863   0.805   -5.190 1.00 25.50 ? 5   DG  A N2    1 
ATOM   99  N  N3    . DG  A 1 5  ? 6.482   -0.057  -3.149 1.00 22.05 ? 5   DG  A N3    1 
ATOM   100 C  C4    . DG  A 1 5  ? 5.961   -0.694  -2.077 1.00 19.98 ? 5   DG  A C4    1 
ATOM   101 P  P     . DC  A 1 6  ? 8.354   2.854   2.405  1.00 26.16 ? 6   DC  A P     1 
ATOM   102 O  OP1   . DC  A 1 6  ? 9.400   3.602   3.162  1.00 31.76 ? 6   DC  A OP1   1 
ATOM   103 O  OP2   . DC  A 1 6  ? 7.036   2.587   3.078  1.00 25.86 ? 6   DC  A OP2   1 
ATOM   104 O  "O5'" . DC  A 1 6  ? 7.937   3.776   1.177  1.00 26.31 ? 6   DC  A "O5'" 1 
ATOM   105 C  "C5'" . DC  A 1 6  ? 8.885   4.213   0.198  1.00 24.10 ? 6   DC  A "C5'" 1 
ATOM   106 C  "C4'" . DC  A 1 6  ? 8.224   4.617   -1.083 1.00 18.22 ? 6   DC  A "C4'" 1 
ATOM   107 O  "O4'" . DC  A 1 6  ? 7.658   3.476   -1.772 1.00 18.83 ? 6   DC  A "O4'" 1 
ATOM   108 C  "C3'" . DC  A 1 6  ? 7.031   5.569   -0.922 1.00 24.90 ? 6   DC  A "C3'" 1 
ATOM   109 O  "O3'" . DC  A 1 6  ? 7.419   6.929   -0.759 1.00 28.15 ? 6   DC  A "O3'" 1 
ATOM   110 C  "C2'" . DC  A 1 6  ? 6.389   5.419   -2.291 1.00 19.33 ? 6   DC  A "C2'" 1 
ATOM   111 C  "C1'" . DC  A 1 6  ? 6.516   3.915   -2.505 1.00 20.10 ? 6   DC  A "C1'" 1 
ATOM   112 N  N1    . DC  A 1 6  ? 5.336   3.195   -1.983 1.00 21.36 ? 6   DC  A N1    1 
ATOM   113 C  C2    . DC  A 1 6  ? 4.227   3.151   -2.833 1.00 21.82 ? 6   DC  A C2    1 
ATOM   114 O  O2    . DC  A 1 6  ? 4.241   3.709   -3.940 1.00 26.36 ? 6   DC  A O2    1 
ATOM   115 N  N3    . DC  A 1 6  ? 3.095   2.546   -2.388 1.00 20.82 ? 6   DC  A N3    1 
ATOM   116 C  C4    . DC  A 1 6  ? 3.122   1.944   -1.183 1.00 21.27 ? 6   DC  A C4    1 
ATOM   117 N  N4    . DC  A 1 6  ? 2.030   1.184   -0.950 1.00 21.98 ? 6   DC  A N4    1 
ATOM   118 C  C5    . DC  A 1 6  ? 4.253   1.941   -0.317 1.00 20.31 ? 6   DC  A C5    1 
ATOM   119 C  C6    . DC  A 1 6  ? 5.345   2.625   -0.745 1.00 20.15 ? 6   DC  A C6    1 
ATOM   120 P  P     . DC  A 1 7  ? 6.465   7.956   0.054  1.00 24.68 ? 7   DC  A P     1 
ATOM   121 O  OP1   . DC  A 1 7  ? 7.286   9.170   0.249  1.00 34.06 ? 7   DC  A OP1   1 
ATOM   122 O  OP2   . DC  A 1 7  ? 5.842   7.242   1.203  1.00 25.78 ? 7   DC  A OP2   1 
ATOM   123 O  "O5'" . DC  A 1 7  ? 5.327   8.254   -1.013 1.00 24.10 ? 7   DC  A "O5'" 1 
ATOM   124 C  "C5'" . DC  A 1 7  ? 5.595   8.692   -2.353 1.00 21.75 ? 7   DC  A "C5'" 1 
ATOM   125 C  "C4'" . DC  A 1 7  ? 4.318   8.738   -3.161 1.00 22.83 ? 7   DC  A "C4'" 1 
ATOM   126 O  "O4'" . DC  A 1 7  ? 3.845   7.368   -3.377 1.00 19.11 ? 7   DC  A "O4'" 1 
ATOM   127 C  "C3'" . DC  A 1 7  ? 3.153   9.429   -2.437 1.00 30.30 ? 7   DC  A "C3'" 1 
ATOM   128 O  "O3'" . DC  A 1 7  ? 3.207   10.849  -2.657 1.00 24.51 ? 7   DC  A "O3'" 1 
ATOM   129 C  "C2'" . DC  A 1 7  ? 1.976   8.798   -3.149 1.00 18.36 ? 7   DC  A "C2'" 1 
ATOM   130 C  "C1'" . DC  A 1 7  ? 2.426   7.360   -3.353 1.00 19.81 ? 7   DC  A "C1'" 1 
ATOM   131 N  N1    . DC  A 1 7  ? 1.974   6.403   -2.317 1.00 22.09 ? 7   DC  A N1    1 
ATOM   132 C  C2    . DC  A 1 7  ? 0.688   5.871   -2.463 1.00 24.95 ? 7   DC  A C2    1 
ATOM   133 O  O2    . DC  A 1 7  ? -0.027  6.244   -3.425 1.00 19.83 ? 7   DC  A O2    1 
ATOM   134 N  N3    . DC  A 1 7  ? 0.280   4.918   -1.592 1.00 23.37 ? 7   DC  A N3    1 
ATOM   135 C  C4    . DC  A 1 7  ? 1.046   4.612   -0.541 1.00 18.38 ? 7   DC  A C4    1 
ATOM   136 N  N4    . DC  A 1 7  ? 0.592   3.715   0.336  1.00 18.07 ? 7   DC  A N4    1 
ATOM   137 C  C5    . DC  A 1 7  ? 2.364   5.137   -0.370 1.00 18.10 ? 7   DC  A C5    1 
ATOM   138 C  C6    . DC  A 1 7  ? 2.783   6.022   -1.287 1.00 18.21 ? 7   DC  A C6    1 
ATOM   139 P  P     . DG  A 1 8  ? 2.383   11.865  -1.710 1.00 24.98 ? 8   DG  A P     1 
ATOM   140 O  OP1   . DG  A 1 8  ? 2.632   13.241  -2.195 1.00 28.09 ? 8   DG  A OP1   1 
ATOM   141 O  OP2   . DG  A 1 8  ? 2.616   11.547  -0.290 1.00 25.78 ? 8   DG  A OP2   1 
ATOM   142 O  "O5'" . DG  A 1 8  ? 0.893   11.535  -2.163 1.00 21.24 ? 8   DG  A "O5'" 1 
ATOM   143 C  "C5'" . DG  A 1 8  ? -0.277  11.721  -1.360 1.00 23.93 ? 8   DG  A "C5'" 1 
ATOM   144 C  "C4'" . DG  A 1 8  ? -1.427  10.949  -1.959 1.00 22.82 ? 8   DG  A "C4'" 1 
ATOM   145 O  "O4'" . DG  A 1 8  ? -1.131  9.546   -2.178 1.00 20.99 ? 8   DG  A "O4'" 1 
ATOM   146 C  "C3'" . DG  A 1 8  ? -2.715  10.905  -1.129 1.00 23.32 ? 8   DG  A "C3'" 1 
ATOM   147 O  "O3'" . DG  A 1 8  ? -3.382  12.168  -1.304 1.00 27.45 ? 8   DG  A "O3'" 1 
ATOM   148 C  "C2'" . DG  A 1 8  ? -3.469  9.837   -1.925 1.00 25.51 ? 8   DG  A "C2'" 1 
ATOM   149 C  "C1'" . DG  A 1 8  ? -2.354  8.807   -2.084 1.00 18.73 ? 8   DG  A "C1'" 1 
ATOM   150 N  N9    . DG  A 1 8  ? -2.161  7.928   -0.923 1.00 18.08 ? 8   DG  A N9    1 
ATOM   151 C  C8    . DG  A 1 8  ? -1.102  7.862   -0.068 1.00 16.60 ? 8   DG  A C8    1 
ATOM   152 N  N7    . DG  A 1 8  ? -1.129  6.802   0.705  1.00 21.14 ? 8   DG  A N7    1 
ATOM   153 C  C5    . DG  A 1 8  ? -2.345  6.200   0.429  1.00 19.84 ? 8   DG  A C5    1 
ATOM   154 C  C6    . DG  A 1 8  ? -2.970  5.057   0.974  1.00 19.55 ? 8   DG  A C6    1 
ATOM   155 O  O6    . DG  A 1 8  ? -2.633  4.295   1.898  1.00 16.47 ? 8   DG  A O6    1 
ATOM   156 N  N1    . DG  A 1 8  ? -4.209  4.841   0.382  1.00 21.72 ? 8   DG  A N1    1 
ATOM   157 C  C2    . DG  A 1 8  ? -4.765  5.594   -0.616 1.00 19.60 ? 8   DG  A C2    1 
ATOM   158 N  N2    . DG  A 1 8  ? -5.969  5.189   -1.052 1.00 27.85 ? 8   DG  A N2    1 
ATOM   159 N  N3    . DG  A 1 8  ? -4.171  6.633   -1.167 1.00 16.67 ? 8   DG  A N3    1 
ATOM   160 C  C4    . DG  A 1 8  ? -2.990  6.890   -0.576 1.00 19.21 ? 8   DG  A C4    1 
ATOM   161 P  P     . DG  A 1 9  ? -4.176  12.732  -0.013 1.00 31.56 ? 9   DG  A P     1 
ATOM   162 O  OP1   . DG  A 1 9  ? -4.594  14.089  -0.414 1.00 29.68 ? 9   DG  A OP1   1 
ATOM   163 O  OP2   . DG  A 1 9  ? -3.362  12.543  1.194  1.00 28.72 ? 9   DG  A OP2   1 
ATOM   164 O  "O5'" . DG  A 1 9  ? -5.446  11.801  0.088  1.00 29.61 ? 9   DG  A "O5'" 1 
ATOM   165 C  "C5'" . DG  A 1 9  ? -6.504  11.749  -0.869 1.00 26.49 ? 9   DG  A "C5'" 1 
ATOM   166 C  "C4'" . DG  A 1 9  ? -7.438  10.609  -0.546 1.00 27.87 ? 9   DG  A "C4'" 1 
ATOM   167 O  "O4'" . DG  A 1 9  ? -6.683  9.372   -0.509 1.00 23.97 ? 9   DG  A "O4'" 1 
ATOM   168 C  "C3'" . DG  A 1 9  ? -8.050  10.641  0.870  1.00 29.22 ? 9   DG  A "C3'" 1 
ATOM   169 O  "O3'" . DG  A 1 9  ? -9.233  11.463  0.825  1.00 42.31 ? 9   DG  A "O3'" 1 
ATOM   170 C  "C2'" . DG  A 1 9  ? -8.568  9.210   0.934  1.00 23.00 ? 9   DG  A "C2'" 1 
ATOM   171 C  "C1'" . DG  A 1 9  ? -7.407  8.448   0.310  1.00 26.62 ? 9   DG  A "C1'" 1 
ATOM   172 N  N9    . DG  A 1 9  ? -6.476  8.020   1.354  1.00 26.25 ? 9   DG  A N9    1 
ATOM   173 C  C8    . DG  A 1 9  ? -5.314  8.614   1.748  1.00 24.12 ? 9   DG  A C8    1 
ATOM   174 N  N7    . DG  A 1 9  ? -4.653  7.911   2.616  1.00 20.59 ? 9   DG  A N7    1 
ATOM   175 C  C5    . DG  A 1 9  ? -5.436  6.787   2.809  1.00 19.37 ? 9   DG  A C5    1 
ATOM   176 C  C6    . DG  A 1 9  ? -5.260  5.699   3.704  1.00 15.88 ? 9   DG  A C6    1 
ATOM   177 O  O6    . DG  A 1 9  ? -4.287  5.457   4.401  1.00 19.90 ? 9   DG  A O6    1 
ATOM   178 N  N1    . DG  A 1 9  ? -6.349  4.843   3.677  1.00 23.86 ? 9   DG  A N1    1 
ATOM   179 C  C2    . DG  A 1 9  ? -7.466  5.025   2.910  1.00 24.05 ? 9   DG  A C2    1 
ATOM   180 N  N2    . DG  A 1 9  ? -8.417  4.076   3.016  1.00 27.05 ? 9   DG  A N2    1 
ATOM   181 N  N3    . DG  A 1 9  ? -7.689  6.075   2.127  1.00 25.12 ? 9   DG  A N3    1 
ATOM   182 C  C4    . DG  A 1 9  ? -6.595  6.859   2.079  1.00 30.69 ? 9   DG  A C4    1 
ATOM   183 P  P     . DT  A 1 10 ? -9.892  11.853  2.250  1.00 41.73 ? 10  DT  A P     1 
ATOM   184 O  OP1   . DT  A 1 10 ? -11.079 12.706  1.946  1.00 30.81 ? 10  DT  A OP1   1 
ATOM   185 O  OP2   . DT  A 1 10 ? -8.782  12.308  3.113  1.00 45.47 ? 10  DT  A OP2   1 
ATOM   186 O  "O5'" . DT  A 1 10 ? -10.390 10.462  2.842  1.00 33.83 ? 10  DT  A "O5'" 1 
ATOM   187 C  "C5'" . DT  A 1 10 ? -11.643 9.897   2.417  1.00 43.12 ? 10  DT  A "C5'" 1 
ATOM   188 C  "C4'" . DT  A 1 10 ? -12.044 8.761   3.323  1.00 45.29 ? 10  DT  A "C4'" 1 
ATOM   189 O  "O4'" . DT  A 1 10 ? -11.042 7.709   3.304  1.00 37.55 ? 10  DT  A "O4'" 1 
ATOM   190 C  "C3'" . DT  A 1 10 ? -12.130 9.139   4.814  1.00 38.14 ? 10  DT  A "C3'" 1 
ATOM   191 O  "O3'" . DT  A 1 10 ? -13.377 9.785   5.103  1.00 37.18 ? 10  DT  A "O3'" 1 
ATOM   192 C  "C2'" . DT  A 1 10 ? -12.133 7.747   5.427  1.00 30.29 ? 10  DT  A "C2'" 1 
ATOM   193 C  "C1'" . DT  A 1 10 ? -11.072 7.046   4.572  1.00 36.83 ? 10  DT  A "C1'" 1 
ATOM   194 N  N1    . DT  A 1 10 ? -9.741  7.153   5.197  1.00 35.09 ? 10  DT  A N1    1 
ATOM   195 C  C2    . DT  A 1 10 ? -9.241  6.042   5.825  1.00 38.69 ? 10  DT  A C2    1 
ATOM   196 O  O2    . DT  A 1 10 ? -9.896  5.036   6.049  1.00 35.67 ? 10  DT  A O2    1 
ATOM   197 N  N3    . DT  A 1 10 ? -7.931  6.163   6.203  1.00 32.66 ? 10  DT  A N3    1 
ATOM   198 C  C4    . DT  A 1 10 ? -7.074  7.228   5.996  1.00 31.44 ? 10  DT  A C4    1 
ATOM   199 O  O4    . DT  A 1 10 ? -5.916  7.108   6.397  1.00 33.65 ? 10  DT  A O4    1 
ATOM   200 C  C5    . DT  A 1 10 ? -7.670  8.355   5.327  1.00 29.92 ? 10  DT  A C5    1 
ATOM   201 C  C7    . DT  A 1 10 ? -6.911  9.613   5.045  1.00 28.35 ? 10  DT  A C7    1 
ATOM   202 C  C6    . DT  A 1 10 ? -8.958  8.263   4.988  1.00 30.05 ? 10  DT  A C6    1 
HETATM 203 MG MG    . MG  B 2 .  ? 0.060   5.397   4.722  1.00 36.07 ? 21  MG  A MG    1 
HETATM 204 MG MG    . MG  C 2 .  ? -0.446  -3.317  -1.271 0.50 17.81 ? 22  MG  A MG    1 
HETATM 205 O  O     . HOH D 3 .  ? -0.072  -5.674  -1.032 0.50 13.08 ? 101 HOH A O     1 
HETATM 206 O  O     . HOH D 3 .  ? -0.738  -0.038  0.879  0.50 18.61 ? 102 HOH A O     1 
HETATM 207 O  O     . HOH D 3 .  ? -1.841  -6.845  -3.356 1.00 28.95 ? 103 HOH A O     1 
HETATM 208 O  O     . HOH D 3 .  ? 2.843   -2.199  1.701  1.00 23.68 ? 104 HOH A O     1 
HETATM 209 O  O     . HOH D 3 .  ? 2.154   -14.663 -1.009 1.00 32.87 ? 105 HOH A O     1 
HETATM 210 O  O     . HOH D 3 .  ? 1.485   0.262   1.680  1.00 28.61 ? 106 HOH A O     1 
HETATM 211 O  O     . HOH D 3 .  ? 2.476   3.546   2.688  1.00 27.21 ? 107 HOH A O     1 
HETATM 212 O  O     . HOH D 3 .  ? -5.448  7.691   -3.559 1.00 23.24 ? 108 HOH A O     1 
HETATM 213 O  O     . HOH D 3 .  ? 8.789   -4.725  -1.363 1.00 34.77 ? 109 HOH A O     1 
HETATM 214 O  O     . HOH D 3 .  ? 1.595   9.349   0.992  1.00 29.67 ? 110 HOH A O     1 
HETATM 215 O  O     . HOH D 3 .  ? 6.677   -10.004 0.381  1.00 27.45 ? 111 HOH A O     1 
HETATM 216 O  O     . HOH D 3 .  ? 4.801   4.930   2.313  1.00 32.99 ? 112 HOH A O     1 
HETATM 217 O  O     . HOH D 3 .  ? 3.280   7.606   2.528  1.00 39.27 ? 113 HOH A O     1 
HETATM 218 O  O     . HOH D 3 .  ? 5.600   5.002   -5.779 1.00 39.68 ? 114 HOH A O     1 
HETATM 219 O  O     . HOH D 3 .  ? 4.689   0.695   2.985  1.00 35.34 ? 115 HOH A O     1 
HETATM 220 O  O     . HOH D 3 .  ? -0.710  -6.646  1.568  1.00 30.43 ? 116 HOH A O     1 
HETATM 221 O  O     . HOH D 3 .  ? -2.383  8.790   3.806  1.00 36.25 ? 117 HOH A O     1 
HETATM 222 O  O     . HOH D 3 .  ? 1.119   -3.620  2.540  1.00 31.34 ? 118 HOH A O     1 
HETATM 223 O  O     . HOH D 3 .  ? -2.155  -7.091  6.015  1.00 44.89 ? 119 HOH A O     1 
HETATM 224 O  O     . HOH D 3 .  ? -12.489 12.336  5.719  1.00 35.37 ? 120 HOH A O     1 
HETATM 225 O  O     . HOH D 3 .  ? -0.187  10.633  2.456  1.00 43.79 ? 121 HOH A O     1 
HETATM 226 O  O     . HOH D 3 .  ? 8.683   -8.773  -1.292 1.00 39.92 ? 122 HOH A O     1 
HETATM 227 O  O     . HOH D 3 .  ? 7.486   11.733  -0.947 1.00 34.49 ? 123 HOH A O     1 
HETATM 228 O  O     . HOH D 3 .  ? -9.430  -10.491 -2.384 1.00 45.02 ? 124 HOH A O     1 
HETATM 229 O  O     . HOH D 3 .  ? -0.742  3.753   3.766  1.00 31.60 ? 125 HOH A O     1 
HETATM 230 O  O     . HOH D 3 .  ? 0.840   7.081   5.640  1.00 39.76 ? 126 HOH A O     1 
HETATM 231 O  O     . HOH D 3 .  ? 0.553   6.240   2.897  1.00 26.25 ? 127 HOH A O     1 
HETATM 232 O  O     . HOH D 3 .  ? 1.920   4.509   4.714  1.00 35.82 ? 128 HOH A O     1 
HETATM 233 O  O     . HOH D 3 .  ? -0.330  4.566   6.564  1.00 43.97 ? 129 HOH A O     1 
HETATM 234 O  O     . HOH D 3 .  ? -1.797  6.267   4.692  1.00 33.25 ? 130 HOH A O     1 
HETATM 235 O  O     . HOH D 3 .  ? 0.107   -4.020  -3.122 0.50 34.56 ? 131 HOH A O     1 
HETATM 236 O  O     . HOH D 3 .  ? -1.012  -2.640  0.589  0.50 23.53 ? 132 HOH A O     1 
HETATM 237 O  O     . HOH D 3 .  ? -1.360  -1.692  -2.152 0.50 15.69 ? 133 HOH A O     1 
HETATM 238 O  O     . HOH D 3 .  ? 1.313   -2.272  -1.118 0.50 21.36 ? 134 HOH A O     1 
HETATM 239 O  O     . HOH D 3 .  ? 0.436   -4.957  -0.391 0.50 12.92 ? 135 HOH A O     1 
HETATM 240 O  O     . HOH D 3 .  ? -2.226  -4.359  -1.413 0.50 16.12 ? 136 HOH A O     1 
# 
